data_5E5I
#
_entry.id   5E5I
#
_cell.length_a   56.408
_cell.length_b   61.445
_cell.length_c   63.665
_cell.angle_alpha   100.87
_cell.angle_beta   92.48
_cell.angle_gamma   108.12
#
_symmetry.space_group_name_H-M   'P 1'
#
loop_
_entity.id
_entity.type
_entity.pdbx_description
1 polymer 'Ornithine aminotransferase, mitochondrial'
2 non-polymer '6-[2-methyl-3-oxidanyl-5-(phosphonooxymethyl)pyridin-4-yl]-4-oxidanylidene-hexanoic acid'
3 non-polymer 'SULFATE ION'
4 non-polymer DI(HYDROXYETHYL)ETHER
5 non-polymer '4-[(E)-({3-hydroxy-2-methyl-5-[(phosphonooxy)methyl]pyridin-4-yl}methylidene)amino]pent-4-enoic acid'
6 water water
#
_entity_poly.entity_id   1
_entity_poly.type   'polypeptide(L)'
_entity_poly.pdbx_seq_one_letter_code
;MATKSDGSASAAAEGGARKTNIEAYRDGLKLKTEEDFFACDRQYVCQNYAPVPVVISKGKGARVWDINGNEYYDFLAGVS
SLSQGHCHPRVIAALCRQAERLTLTLRAFGNDVTGPACRFMAEMFGYDRVLLMNTGAEAGESALKIARKWAYEVKEIPPD
SAKVILCNNNYWGRTITACSSSTTFDCYNNFGPFTPGFELIDYDDVGALEEALKDPNVAAFFVEPIQGEGGVNVPKPGYL
KRAHELCRSKNVLLIVDEIQTGLCRTGRLLAADHDEVHPDILLLGKSLSAGVVPISAVMGRADVMDVLKPGTHGSTFGGN
PLACAVAVEALTVLKDEKLADRAERLGAQFRDCLRRELYGKVPWIKEIRGRGLLNAVEVDSDAIDPNDVVMKLKENGILS
KPTRGRVMRFIPPLVITDEEHRDATTRIIKSFLAVEEERKK
;
_entity_poly.pdbx_strand_id   A,B
#
# COMPACT_ATOMS: atom_id res chain seq x y z
N LYS A 19 -19.97 -17.50 -12.36
CA LYS A 19 -18.49 -17.30 -12.53
C LYS A 19 -18.10 -15.83 -12.68
N THR A 20 -17.20 -15.44 -11.82
CA THR A 20 -16.66 -14.07 -11.87
C THR A 20 -15.70 -13.92 -13.06
N ASN A 21 -15.35 -12.69 -13.42
CA ASN A 21 -14.49 -12.50 -14.58
C ASN A 21 -13.17 -13.23 -14.51
N ILE A 22 -12.50 -13.23 -13.34
CA ILE A 22 -11.22 -13.92 -13.24
C ILE A 22 -11.35 -15.42 -13.44
N GLU A 23 -12.47 -15.99 -12.98
CA GLU A 23 -12.70 -17.42 -13.14
C GLU A 23 -12.87 -17.75 -14.60
N ALA A 24 -13.77 -17.04 -15.27
CA ALA A 24 -14.03 -17.27 -16.71
C ALA A 24 -12.78 -17.03 -17.58
N TYR A 25 -12.01 -15.97 -17.29
CA TYR A 25 -10.82 -15.72 -18.07
C TYR A 25 -9.80 -16.83 -17.90
N ARG A 26 -9.55 -17.25 -16.65
CA ARG A 26 -8.60 -18.35 -16.39
C ARG A 26 -9.03 -19.67 -17.05
N ASP A 27 -10.31 -19.99 -17.00
CA ASP A 27 -10.82 -21.20 -17.66
C ASP A 27 -10.48 -21.16 -19.14
N GLY A 28 -10.56 -19.97 -19.72
CA GLY A 28 -10.29 -19.76 -21.10
C GLY A 28 -8.84 -20.04 -21.47
N LEU A 29 -7.94 -19.93 -20.51
CA LEU A 29 -6.51 -20.15 -20.75
C LEU A 29 -6.11 -21.61 -20.75
N LYS A 30 -7.01 -22.47 -20.29
CA LYS A 30 -6.80 -23.92 -20.28
C LYS A 30 -5.51 -24.28 -19.55
N LEU A 31 -5.37 -23.82 -18.31
CA LEU A 31 -4.18 -24.08 -17.49
C LEU A 31 -4.49 -25.29 -16.62
N LYS A 32 -3.88 -26.42 -16.96
CA LYS A 32 -4.14 -27.71 -16.29
C LYS A 32 -3.10 -28.10 -15.23
N THR A 33 -1.83 -27.97 -15.57
CA THR A 33 -0.77 -28.35 -14.66
C THR A 33 -0.13 -27.18 -13.94
N GLU A 34 0.62 -27.50 -12.88
CA GLU A 34 1.36 -26.46 -12.20
C GLU A 34 2.32 -25.80 -13.21
N GLU A 35 2.93 -26.61 -14.05
CA GLU A 35 3.86 -26.07 -15.05
C GLU A 35 3.16 -25.01 -15.93
N ASP A 36 1.90 -25.24 -16.32
CA ASP A 36 1.14 -24.26 -17.12
C ASP A 36 1.10 -22.88 -16.39
N PHE A 37 0.89 -22.92 -15.09
CA PHE A 37 0.85 -21.70 -14.28
C PHE A 37 2.23 -21.11 -14.16
N PHE A 38 3.26 -21.95 -13.97
CA PHE A 38 4.61 -21.37 -13.88
C PHE A 38 4.93 -20.66 -15.16
N ALA A 39 4.54 -21.28 -16.28
CA ALA A 39 4.83 -20.69 -17.57
C ALA A 39 4.10 -19.36 -17.72
N CYS A 40 2.85 -19.30 -17.29
CA CYS A 40 2.10 -18.05 -17.33
C CYS A 40 2.83 -16.95 -16.53
N ASP A 41 3.38 -17.33 -15.37
CA ASP A 41 4.18 -16.42 -14.54
C ASP A 41 5.37 -15.86 -15.28
N ARG A 42 6.17 -16.76 -15.83
CA ARG A 42 7.37 -16.32 -16.53
C ARG A 42 7.13 -15.36 -17.69
N GLN A 43 5.97 -15.50 -18.34
CA GLN A 43 5.67 -14.72 -19.50
C GLN A 43 5.06 -13.36 -19.18
N TYR A 44 4.20 -13.29 -18.18
CA TYR A 44 3.47 -12.05 -17.91
C TYR A 44 3.68 -11.29 -16.59
N VAL A 45 4.26 -11.95 -15.59
CA VAL A 45 4.43 -11.40 -14.28
C VAL A 45 5.88 -10.93 -14.14
N CYS A 46 6.06 -9.68 -13.70
CA CYS A 46 7.40 -9.15 -13.43
C CYS A 46 8.16 -10.25 -12.65
N GLN A 47 9.38 -10.57 -13.11
N GLN A 47 9.32 -10.66 -13.13
CA GLN A 47 10.25 -11.68 -12.59
CA GLN A 47 10.05 -11.78 -12.49
C GLN A 47 11.00 -11.37 -11.30
C GLN A 47 10.97 -11.36 -11.35
N ASN A 48 10.40 -10.60 -10.42
CA ASN A 48 11.10 -10.16 -9.19
C ASN A 48 11.04 -11.13 -8.00
N TYR A 49 10.44 -12.29 -8.18
CA TYR A 49 10.43 -13.38 -7.19
C TYR A 49 10.99 -14.65 -7.83
N ALA A 50 11.65 -15.46 -7.01
CA ALA A 50 12.19 -16.73 -7.48
C ALA A 50 11.06 -17.74 -7.80
N PRO A 51 11.41 -18.82 -8.56
CA PRO A 51 10.42 -19.86 -8.85
C PRO A 51 9.75 -20.43 -7.59
N VAL A 52 8.51 -20.80 -7.75
CA VAL A 52 7.73 -21.32 -6.64
C VAL A 52 7.59 -22.83 -6.73
N PRO A 53 7.37 -23.50 -5.62
CA PRO A 53 7.27 -24.94 -5.75
C PRO A 53 5.82 -25.46 -5.81
N VAL A 54 4.84 -24.57 -5.83
CA VAL A 54 3.47 -25.01 -5.66
C VAL A 54 2.49 -24.01 -6.19
N VAL A 55 1.28 -24.47 -6.53
CA VAL A 55 0.27 -23.56 -7.01
C VAL A 55 -0.94 -23.74 -6.12
N ILE A 56 -1.12 -22.81 -5.19
CA ILE A 56 -2.21 -22.85 -4.21
C ILE A 56 -3.49 -22.33 -4.79
N SER A 57 -4.57 -23.05 -4.54
CA SER A 57 -5.87 -22.71 -5.00
C SER A 57 -6.80 -22.29 -3.86
N LYS A 58 -6.70 -22.89 -2.69
CA LYS A 58 -7.55 -22.52 -1.55
C LYS A 58 -6.85 -22.63 -0.24
N GLY A 59 -7.36 -21.91 0.75
CA GLY A 59 -6.79 -21.96 2.07
C GLY A 59 -7.86 -21.93 3.13
N LYS A 60 -7.60 -22.63 4.23
CA LYS A 60 -8.52 -22.64 5.36
C LYS A 60 -7.78 -22.91 6.62
N GLY A 61 -7.79 -21.95 7.56
CA GLY A 61 -7.08 -22.10 8.83
C GLY A 61 -5.61 -22.25 8.56
N ALA A 62 -5.02 -23.30 9.09
CA ALA A 62 -3.58 -23.55 8.90
C ALA A 62 -3.27 -24.35 7.64
N ARG A 63 -4.30 -24.74 6.87
CA ARG A 63 -4.05 -25.56 5.69
C ARG A 63 -4.33 -24.86 4.36
N VAL A 64 -3.65 -25.33 3.33
CA VAL A 64 -3.87 -24.85 1.98
C VAL A 64 -3.88 -26.06 1.09
N TRP A 65 -4.45 -25.88 -0.09
CA TRP A 65 -4.52 -26.94 -1.09
C TRP A 65 -4.09 -26.42 -2.46
N ASP A 66 -3.28 -27.21 -3.15
CA ASP A 66 -2.86 -26.88 -4.49
C ASP A 66 -3.95 -27.20 -5.52
N ILE A 67 -3.70 -26.83 -6.78
CA ILE A 67 -4.68 -27.04 -7.84
C ILE A 67 -5.06 -28.50 -8.05
N ASN A 68 -4.21 -29.42 -7.57
CA ASN A 68 -4.45 -30.88 -7.67
C ASN A 68 -5.11 -31.50 -6.42
N GLY A 69 -5.56 -30.66 -5.49
CA GLY A 69 -6.20 -31.16 -4.27
C GLY A 69 -5.25 -31.65 -3.19
N ASN A 70 -3.94 -31.55 -3.39
CA ASN A 70 -2.98 -31.94 -2.36
C ASN A 70 -3.01 -30.92 -1.20
N GLU A 71 -3.10 -31.44 0.03
CA GLU A 71 -3.16 -30.63 1.23
C GLU A 71 -1.78 -30.38 1.84
N TYR A 72 -1.58 -29.19 2.37
CA TYR A 72 -0.31 -28.82 3.02
C TYR A 72 -0.62 -27.93 4.18
N TYR A 73 0.34 -27.85 5.09
CA TYR A 73 0.24 -26.97 6.25
C TYR A 73 1.03 -25.76 5.81
N ASP A 74 0.44 -24.57 5.90
CA ASP A 74 1.17 -23.34 5.50
C ASP A 74 2.03 -22.90 6.68
N PHE A 75 3.35 -23.04 6.54
CA PHE A 75 4.29 -22.64 7.61
C PHE A 75 5.02 -21.33 7.29
N LEU A 76 4.40 -20.53 6.43
CA LEU A 76 4.91 -19.21 6.10
C LEU A 76 3.85 -18.19 6.54
N ALA A 77 2.59 -18.48 6.25
CA ALA A 77 1.49 -17.65 6.67
C ALA A 77 1.65 -16.16 6.34
N GLY A 78 2.14 -15.92 5.13
CA GLY A 78 2.29 -14.56 4.70
C GLY A 78 3.34 -13.79 5.48
N VAL A 79 4.29 -14.54 6.00
CA VAL A 79 5.33 -14.09 6.94
C VAL A 79 4.61 -13.42 8.14
N SER A 80 3.65 -14.14 8.74
CA SER A 80 2.85 -13.68 9.84
C SER A 80 1.77 -12.63 9.50
N SER A 81 1.24 -12.74 8.27
CA SER A 81 0.08 -11.99 7.82
C SER A 81 -1.21 -12.77 7.98
N LEU A 82 -1.13 -14.09 8.18
CA LEU A 82 -2.32 -14.96 8.30
C LEU A 82 -2.39 -15.64 9.67
N SER A 83 -2.06 -14.88 10.72
CA SER A 83 -2.10 -15.44 12.07
C SER A 83 -3.47 -16.03 12.43
N GLN A 84 -4.52 -15.41 11.93
CA GLN A 84 -5.90 -15.89 12.15
C GLN A 84 -6.29 -17.00 11.22
N GLY A 85 -5.35 -17.48 10.43
CA GLY A 85 -5.60 -18.50 9.43
C GLY A 85 -6.15 -17.97 8.13
N HIS A 86 -6.02 -18.76 7.08
CA HIS A 86 -6.61 -18.43 5.79
C HIS A 86 -8.14 -18.42 5.89
N CYS A 87 -8.76 -17.42 5.27
CA CYS A 87 -10.20 -17.33 5.16
C CYS A 87 -10.97 -17.57 6.45
N HIS A 88 -10.61 -16.80 7.49
CA HIS A 88 -11.26 -16.89 8.77
C HIS A 88 -12.67 -16.40 8.56
N PRO A 89 -13.66 -17.27 8.86
CA PRO A 89 -15.08 -16.93 8.64
C PRO A 89 -15.60 -15.61 9.16
N ARG A 90 -15.20 -15.21 10.36
CA ARG A 90 -15.64 -13.94 10.90
C ARG A 90 -15.02 -12.80 10.11
N VAL A 91 -13.78 -12.97 9.74
CA VAL A 91 -13.12 -11.90 9.01
C VAL A 91 -13.74 -11.76 7.61
N ILE A 92 -13.97 -12.89 6.93
CA ILE A 92 -14.58 -12.87 5.62
C ILE A 92 -16.02 -12.31 5.69
N ALA A 93 -16.77 -12.63 6.72
CA ALA A 93 -18.12 -12.07 6.85
C ALA A 93 -18.11 -10.54 7.08
N ALA A 94 -17.12 -10.05 7.85
CA ALA A 94 -17.01 -8.63 8.15
C ALA A 94 -16.66 -7.91 6.88
N LEU A 95 -15.75 -8.50 6.11
CA LEU A 95 -15.37 -7.96 4.79
C LEU A 95 -16.58 -7.85 3.88
N CYS A 96 -17.32 -8.93 3.76
CA CYS A 96 -18.46 -8.91 2.82
C CYS A 96 -19.58 -7.98 3.26
N ARG A 97 -19.89 -7.94 4.54
CA ARG A 97 -20.94 -7.07 5.00
C ARG A 97 -20.59 -5.62 4.80
N GLN A 98 -19.36 -5.24 5.10
CA GLN A 98 -19.02 -3.86 4.94
C GLN A 98 -18.90 -3.50 3.43
N ALA A 99 -18.41 -4.44 2.62
CA ALA A 99 -18.25 -4.20 1.19
C ALA A 99 -19.58 -3.89 0.47
N GLU A 100 -20.68 -4.44 0.96
CA GLU A 100 -21.98 -4.13 0.39
C GLU A 100 -22.50 -2.74 0.77
N ARG A 101 -21.83 -2.06 1.71
CA ARG A 101 -22.29 -0.82 2.22
C ARG A 101 -21.45 0.37 1.82
N LEU A 102 -20.17 0.22 2.05
CA LEU A 102 -19.24 1.34 1.77
C LEU A 102 -17.82 0.88 1.86
N THR A 103 -16.97 1.17 0.86
CA THR A 103 -15.58 0.74 0.93
C THR A 103 -14.57 1.87 0.94
N LEU A 104 -14.94 3.00 0.36
CA LEU A 104 -13.98 4.11 0.29
C LEU A 104 -14.68 5.46 0.25
N THR A 105 -14.15 6.42 1.02
CA THR A 105 -14.66 7.76 0.98
C THR A 105 -13.55 8.73 0.76
N LEU A 106 -12.35 8.27 1.12
CA LEU A 106 -11.12 9.10 1.24
C LEU A 106 -11.27 9.80 2.58
N ARG A 107 -10.15 10.25 3.13
CA ARG A 107 -10.21 10.96 4.40
C ARG A 107 -10.63 12.40 4.21
N ALA A 108 -10.85 12.77 2.94
CA ALA A 108 -11.45 14.07 2.59
C ALA A 108 -12.88 14.20 3.11
N PHE A 109 -13.54 13.07 3.31
CA PHE A 109 -14.91 13.05 3.82
C PHE A 109 -14.93 12.15 5.06
N GLY A 110 -15.93 12.29 5.92
CA GLY A 110 -16.02 11.42 7.07
C GLY A 110 -16.85 10.20 6.71
N ASN A 111 -16.81 9.21 7.59
CA ASN A 111 -17.61 8.02 7.46
C ASN A 111 -17.86 7.49 8.83
N ASP A 112 -18.73 6.48 8.94
CA ASP A 112 -19.05 5.95 10.25
C ASP A 112 -18.18 4.78 10.69
N VAL A 113 -17.00 4.59 10.08
CA VAL A 113 -16.14 3.43 10.44
C VAL A 113 -14.70 3.78 10.89
N THR A 114 -14.10 4.74 10.22
CA THR A 114 -12.68 5.07 10.46
C THR A 114 -12.36 5.50 11.88
N GLY A 115 -13.11 6.49 12.40
CA GLY A 115 -12.91 6.97 13.77
C GLY A 115 -13.08 5.88 14.80
N PRO A 116 -14.25 5.17 14.75
CA PRO A 116 -14.40 4.05 15.64
C PRO A 116 -13.31 2.97 15.57
N ALA A 117 -12.84 2.63 14.38
CA ALA A 117 -11.79 1.62 14.23
C ALA A 117 -10.48 2.15 14.85
N CYS A 118 -10.20 3.44 14.70
CA CYS A 118 -9.02 4.01 15.30
C CYS A 118 -9.13 4.08 16.82
N ARG A 119 -10.32 4.41 17.33
CA ARG A 119 -10.52 4.39 18.77
C ARG A 119 -10.28 2.97 19.27
N PHE A 120 -10.82 1.98 18.54
CA PHE A 120 -10.65 0.58 18.94
C PHE A 120 -9.19 0.22 19.07
N MET A 121 -8.40 0.64 18.10
CA MET A 121 -6.98 0.35 18.10
C MET A 121 -6.25 1.15 19.16
N ALA A 122 -6.61 2.41 19.32
CA ALA A 122 -5.97 3.30 20.29
C ALA A 122 -6.13 2.71 21.68
N GLU A 123 -7.31 2.17 21.98
CA GLU A 123 -7.53 1.57 23.29
C GLU A 123 -6.85 0.21 23.47
N MET A 124 -6.83 -0.60 22.42
CA MET A 124 -6.21 -1.91 22.53
C MET A 124 -4.69 -1.81 22.73
N PHE A 125 -4.08 -0.83 22.08
CA PHE A 125 -2.64 -0.68 22.13
C PHE A 125 -2.13 0.44 23.04
N GLY A 126 -3.03 1.30 23.52
CA GLY A 126 -2.67 2.34 24.48
C GLY A 126 -1.92 3.53 23.88
N TYR A 127 -2.47 4.07 22.81
CA TYR A 127 -1.85 5.24 22.13
C TYR A 127 -2.92 6.29 21.97
N ASP A 128 -2.51 7.53 21.84
CA ASP A 128 -3.42 8.62 21.68
C ASP A 128 -3.97 8.75 20.22
N ARG A 129 -3.11 8.54 19.24
CA ARG A 129 -3.46 8.76 17.83
C ARG A 129 -3.00 7.61 16.98
N VAL A 130 -3.85 7.27 16.01
CA VAL A 130 -3.60 6.20 15.08
C VAL A 130 -3.62 6.69 13.64
N LEU A 131 -2.57 6.43 12.93
CA LEU A 131 -2.50 6.71 11.52
C LEU A 131 -2.62 5.41 10.74
N LEU A 132 -3.62 5.30 9.87
CA LEU A 132 -3.76 4.11 9.07
C LEU A 132 -3.25 4.29 7.65
N MET A 133 -2.41 3.39 7.26
CA MET A 133 -1.80 3.35 5.93
C MET A 133 -2.10 2.00 5.32
N ASN A 134 -1.42 1.63 4.22
CA ASN A 134 -1.85 0.39 3.55
C ASN A 134 -0.84 -0.73 3.69
N THR A 135 0.41 -0.43 3.50
CA THR A 135 1.42 -1.45 3.58
C THR A 135 2.41 -1.21 4.72
N GLY A 136 3.23 -2.23 4.99
CA GLY A 136 4.23 -2.12 5.99
C GLY A 136 5.24 -1.03 5.64
N ALA A 137 5.61 -1.01 4.38
CA ALA A 137 6.60 0.03 3.90
C ALA A 137 6.05 1.40 4.13
N GLU A 138 4.75 1.61 3.86
CA GLU A 138 4.16 2.92 4.05
C GLU A 138 4.14 3.28 5.53
N ALA A 139 3.92 2.30 6.40
CA ALA A 139 3.90 2.59 7.83
C ALA A 139 5.31 3.11 8.24
N GLY A 140 6.32 2.43 7.75
CA GLY A 140 7.70 2.79 8.02
C GLY A 140 7.97 4.18 7.50
N GLU A 141 7.59 4.44 6.26
CA GLU A 141 7.84 5.78 5.68
C GLU A 141 7.16 6.85 6.52
N SER A 142 5.92 6.56 6.90
CA SER A 142 5.15 7.50 7.69
C SER A 142 5.86 7.76 9.03
N ALA A 143 6.33 6.70 9.67
CA ALA A 143 7.03 6.84 10.97
C ALA A 143 8.30 7.66 10.81
N LEU A 144 8.99 7.48 9.71
CA LEU A 144 10.27 8.23 9.51
C LEU A 144 9.96 9.68 9.28
N LYS A 145 8.93 9.96 8.49
CA LYS A 145 8.46 11.38 8.27
C LYS A 145 8.05 12.06 9.62
N ILE A 146 7.30 11.34 10.44
CA ILE A 146 6.85 11.87 11.74
C ILE A 146 8.07 12.15 12.60
N ALA A 147 9.01 11.21 12.64
CA ALA A 147 10.16 11.39 13.49
C ALA A 147 11.02 12.51 13.01
N ARG A 148 11.15 12.69 11.70
CA ARG A 148 11.97 13.81 11.22
C ARG A 148 11.30 15.15 11.48
N LYS A 149 9.99 15.23 11.27
CA LYS A 149 9.28 16.50 11.46
C LYS A 149 9.24 16.88 12.94
N TRP A 150 9.07 15.87 13.78
CA TRP A 150 9.06 16.03 15.24
C TRP A 150 10.43 16.54 15.70
N ALA A 151 11.48 15.92 15.17
CA ALA A 151 12.86 16.33 15.53
C ALA A 151 13.13 17.75 15.10
N TYR A 152 12.69 18.17 13.92
CA TYR A 152 12.91 19.57 13.47
C TYR A 152 12.09 20.57 14.28
N GLU A 153 10.84 20.20 14.55
CA GLU A 153 9.89 21.11 15.20
C GLU A 153 9.85 21.15 16.71
N VAL A 154 10.17 20.04 17.34
CA VAL A 154 10.12 19.92 18.80
C VAL A 154 11.54 19.88 19.33
N LYS A 155 12.41 19.03 18.80
CA LYS A 155 13.81 19.00 19.24
C LYS A 155 14.61 20.19 18.71
N GLU A 156 14.12 20.79 17.64
CA GLU A 156 14.79 21.95 17.06
C GLU A 156 16.16 21.66 16.50
N ILE A 157 16.31 20.49 15.90
CA ILE A 157 17.58 20.18 15.26
C ILE A 157 17.72 20.98 13.95
N PRO A 158 18.96 21.23 13.54
CA PRO A 158 19.15 22.03 12.33
C PRO A 158 18.46 21.47 11.11
N PRO A 159 17.98 22.35 10.23
CA PRO A 159 17.29 21.83 9.05
C PRO A 159 18.10 20.78 8.27
N ASP A 160 17.40 19.77 7.78
CA ASP A 160 17.98 18.64 7.03
C ASP A 160 19.04 17.79 7.72
N SER A 161 19.27 17.98 9.03
CA SER A 161 20.26 17.22 9.75
C SER A 161 19.71 16.00 10.48
N ALA A 162 18.42 15.68 10.38
CA ALA A 162 17.93 14.55 11.16
C ALA A 162 18.55 13.21 10.75
N LYS A 163 18.90 12.43 11.76
CA LYS A 163 19.39 11.08 11.56
C LYS A 163 18.49 10.07 12.23
N VAL A 164 18.36 8.92 11.59
CA VAL A 164 17.61 7.80 12.17
C VAL A 164 18.57 6.62 12.27
N ILE A 165 18.67 6.02 13.43
CA ILE A 165 19.53 4.87 13.60
C ILE A 165 18.72 3.62 13.31
N LEU A 166 19.28 2.70 12.52
CA LEU A 166 18.67 1.35 12.32
C LEU A 166 19.74 0.29 12.33
N CYS A 167 19.32 -0.97 12.24
CA CYS A 167 20.22 -2.07 12.38
C CYS A 167 20.54 -2.84 11.10
N ASN A 168 21.75 -3.41 11.07
CA ASN A 168 22.18 -4.25 9.98
C ASN A 168 21.21 -5.37 9.82
N ASN A 169 20.91 -5.70 8.56
CA ASN A 169 20.00 -6.78 8.23
C ASN A 169 18.55 -6.42 8.55
N ASN A 170 18.27 -5.14 8.81
CA ASN A 170 16.84 -4.74 9.01
C ASN A 170 16.07 -4.90 7.70
N TYR A 171 14.77 -5.02 7.85
CA TYR A 171 13.91 -5.05 6.69
C TYR A 171 12.65 -4.29 7.09
N TRP A 172 12.27 -3.27 6.34
CA TRP A 172 11.03 -2.55 6.60
C TRP A 172 10.26 -2.23 5.33
N GLY A 173 10.84 -2.53 4.19
CA GLY A 173 10.18 -2.23 2.94
C GLY A 173 11.02 -2.21 1.72
N ARG A 174 10.37 -1.84 0.60
CA ARG A 174 10.99 -1.76 -0.68
C ARG A 174 11.00 -0.40 -1.38
N THR A 175 10.64 0.65 -0.67
CA THR A 175 10.64 1.96 -1.23
C THR A 175 12.11 2.37 -1.35
N ILE A 176 12.38 3.41 -2.11
CA ILE A 176 13.78 3.91 -2.24
C ILE A 176 14.37 4.26 -0.87
N THR A 177 13.58 4.87 -0.01
CA THR A 177 14.05 5.20 1.29
C THR A 177 14.38 3.97 2.11
N ALA A 178 13.63 2.88 1.93
CA ALA A 178 13.94 1.66 2.63
C ALA A 178 15.20 1.05 2.06
N CYS A 179 15.35 1.05 0.73
CA CYS A 179 16.57 0.50 0.13
C CYS A 179 17.77 1.30 0.60
N SER A 180 17.58 2.61 0.78
CA SER A 180 18.69 3.54 1.21
C SER A 180 19.17 3.27 2.64
N SER A 181 18.34 2.54 3.41
CA SER A 181 18.63 2.18 4.80
C SER A 181 18.83 0.68 5.08
N SER A 182 19.00 -0.11 4.02
CA SER A 182 19.22 -1.58 4.07
C SER A 182 20.73 -1.87 3.91
N THR A 183 21.15 -3.03 4.42
CA THR A 183 22.55 -3.51 4.27
C THR A 183 22.48 -4.77 3.45
N THR A 184 21.28 -5.11 2.96
CA THR A 184 21.16 -6.27 2.10
C THR A 184 21.41 -5.89 0.61
N PHE A 185 22.51 -6.39 0.04
CA PHE A 185 22.95 -6.06 -1.34
C PHE A 185 21.83 -6.04 -2.38
N ASP A 186 21.05 -7.12 -2.49
CA ASP A 186 19.99 -7.12 -3.49
C ASP A 186 18.89 -6.07 -3.27
N CYS A 187 18.70 -5.64 -2.03
N CYS A 187 18.72 -5.63 -2.03
CA CYS A 187 17.70 -4.61 -1.76
CA CYS A 187 17.70 -4.65 -1.71
C CYS A 187 18.08 -3.23 -2.27
C CYS A 187 18.07 -3.25 -2.22
N TYR A 188 19.36 -2.87 -2.17
CA TYR A 188 19.79 -1.54 -2.58
C TYR A 188 20.57 -1.40 -3.89
N ASN A 189 21.23 -2.45 -4.34
CA ASN A 189 22.11 -2.38 -5.50
C ASN A 189 21.43 -1.80 -6.72
N ASN A 190 22.06 -0.77 -7.29
CA ASN A 190 21.57 -0.09 -8.51
C ASN A 190 20.20 0.61 -8.40
N PHE A 191 19.81 0.96 -7.18
CA PHE A 191 18.61 1.74 -6.94
C PHE A 191 18.87 3.17 -6.46
N GLY A 192 20.14 3.56 -6.38
CA GLY A 192 20.44 4.93 -5.91
C GLY A 192 20.28 6.02 -6.97
N PRO A 193 20.62 7.27 -6.67
CA PRO A 193 21.20 7.70 -5.38
C PRO A 193 20.25 7.58 -4.22
N PHE A 194 20.84 7.44 -3.05
CA PHE A 194 20.04 7.16 -1.87
C PHE A 194 19.67 8.31 -1.00
N THR A 195 18.55 8.14 -0.31
CA THR A 195 18.07 9.08 0.70
C THR A 195 19.11 9.15 1.85
N PRO A 196 19.64 10.35 2.16
CA PRO A 196 20.60 10.39 3.26
C PRO A 196 19.92 10.34 4.62
N GLY A 197 20.70 10.32 5.68
CA GLY A 197 20.20 10.41 7.04
C GLY A 197 20.01 9.15 7.89
N PHE A 198 20.73 8.10 7.54
CA PHE A 198 20.69 6.86 8.29
C PHE A 198 22.02 6.47 8.84
N GLU A 199 22.03 5.92 10.05
CA GLU A 199 23.25 5.43 10.69
C GLU A 199 22.97 3.97 10.97
N LEU A 200 23.73 3.06 10.36
CA LEU A 200 23.50 1.62 10.59
C LEU A 200 24.39 1.05 11.68
N ILE A 201 23.82 0.27 12.59
CA ILE A 201 24.56 -0.41 13.61
C ILE A 201 24.20 -1.88 13.68
N ASP A 202 25.05 -2.66 14.31
CA ASP A 202 24.75 -4.04 14.54
C ASP A 202 23.49 -4.18 15.40
N TYR A 203 22.66 -5.15 15.04
CA TYR A 203 21.54 -5.50 15.83
C TYR A 203 22.01 -6.16 17.17
N ASP A 204 21.17 -6.05 18.19
CA ASP A 204 21.41 -6.72 19.48
C ASP A 204 22.74 -6.30 20.06
N ASP A 205 23.01 -5.01 20.01
CA ASP A 205 24.28 -4.50 20.48
C ASP A 205 24.04 -3.15 21.09
N VAL A 206 23.84 -3.17 22.40
CA VAL A 206 23.57 -1.95 23.15
C VAL A 206 24.73 -0.94 23.16
N GLY A 207 25.95 -1.41 23.20
CA GLY A 207 27.11 -0.51 23.19
C GLY A 207 27.15 0.32 21.91
N ALA A 208 26.84 -0.33 20.78
CA ALA A 208 26.84 0.40 19.49
C ALA A 208 25.72 1.43 19.42
N LEU A 209 24.57 1.11 19.99
CA LEU A 209 23.49 2.07 20.03
C LEU A 209 23.90 3.23 20.92
N GLU A 210 24.50 2.92 22.06
CA GLU A 210 24.91 4.01 22.97
C GLU A 210 25.84 5.02 22.29
N GLU A 211 26.80 4.51 21.53
CA GLU A 211 27.73 5.40 20.77
C GLU A 211 27.02 6.22 19.69
N ALA A 212 26.12 5.58 18.95
CA ALA A 212 25.40 6.25 17.87
C ALA A 212 24.48 7.38 18.41
N LEU A 213 23.98 7.17 19.64
CA LEU A 213 23.12 8.14 20.31
C LEU A 213 23.86 9.38 20.83
N LYS A 214 25.18 9.37 20.73
CA LYS A 214 25.94 10.57 21.06
C LYS A 214 25.68 11.71 20.07
N ASP A 215 25.27 11.38 18.85
CA ASP A 215 24.95 12.39 17.85
C ASP A 215 23.63 13.06 18.25
N PRO A 216 23.66 14.34 18.61
CA PRO A 216 22.44 15.02 19.02
C PRO A 216 21.39 15.24 17.92
N ASN A 217 21.76 15.00 16.65
CA ASN A 217 20.82 15.15 15.55
C ASN A 217 20.03 13.89 15.33
N VAL A 218 20.25 12.85 16.14
CA VAL A 218 19.40 11.65 16.00
C VAL A 218 17.96 11.96 16.40
N ALA A 219 17.03 11.55 15.55
CA ALA A 219 15.64 11.71 15.76
C ALA A 219 14.99 10.46 16.34
N ALA A 220 15.45 9.28 15.91
CA ALA A 220 14.86 8.04 16.30
C ALA A 220 15.77 6.88 16.18
N PHE A 221 15.45 5.80 16.91
CA PHE A 221 16.09 4.53 16.73
C PHE A 221 14.93 3.65 16.24
N PHE A 222 15.08 3.02 15.08
CA PHE A 222 14.03 2.21 14.41
C PHE A 222 14.55 0.77 14.50
N VAL A 223 13.78 -0.11 15.15
CA VAL A 223 14.19 -1.47 15.38
C VAL A 223 13.05 -2.50 15.41
N GLU A 224 13.41 -3.75 15.12
CA GLU A 224 12.50 -4.91 15.19
C GLU A 224 12.79 -5.62 16.54
N PRO A 225 11.75 -6.01 17.29
CA PRO A 225 11.99 -6.72 18.55
C PRO A 225 12.71 -8.09 18.31
N ILE A 226 12.53 -8.66 17.13
CA ILE A 226 13.20 -9.85 16.65
C ILE A 226 13.32 -9.58 15.16
N GLN A 227 14.52 -9.55 14.57
CA GLN A 227 14.63 -9.31 13.12
C GLN A 227 13.95 -10.42 12.36
N GLY A 228 13.07 -10.01 11.45
CA GLY A 228 12.23 -10.92 10.67
C GLY A 228 12.94 -11.54 9.50
N GLU A 229 13.01 -10.77 8.42
CA GLU A 229 13.69 -11.17 7.18
C GLU A 229 15.18 -11.39 7.43
N GLY A 230 15.69 -10.73 8.46
CA GLY A 230 17.08 -10.87 8.90
C GLY A 230 17.41 -12.28 9.37
N GLY A 231 16.39 -13.11 9.66
CA GLY A 231 16.58 -14.50 10.12
C GLY A 231 16.00 -14.96 11.44
N VAL A 232 14.98 -14.28 11.97
CA VAL A 232 14.37 -14.61 13.29
C VAL A 232 15.50 -14.51 14.31
N ASN A 233 16.19 -13.37 14.25
CA ASN A 233 17.25 -13.07 15.15
C ASN A 233 16.69 -12.55 16.45
N VAL A 234 16.72 -13.41 17.45
CA VAL A 234 16.21 -13.07 18.76
C VAL A 234 17.36 -12.40 19.55
N PRO A 235 17.17 -11.14 19.97
CA PRO A 235 18.25 -10.45 20.71
C PRO A 235 18.42 -11.02 22.16
N LYS A 236 19.53 -10.66 22.82
CA LYS A 236 19.77 -11.09 24.20
C LYS A 236 18.75 -10.55 25.22
N PRO A 237 18.63 -11.19 26.40
CA PRO A 237 17.70 -10.62 27.36
C PRO A 237 18.01 -9.13 27.67
N GLY A 238 16.95 -8.34 27.78
CA GLY A 238 17.04 -6.92 28.12
C GLY A 238 17.32 -5.96 26.99
N TYR A 239 17.55 -6.49 25.78
CA TYR A 239 17.94 -5.61 24.67
C TYR A 239 17.03 -4.43 24.44
N LEU A 240 15.73 -4.69 24.26
CA LEU A 240 14.82 -3.64 23.94
C LEU A 240 14.59 -2.69 25.13
N LYS A 241 14.50 -3.22 26.35
CA LYS A 241 14.36 -2.36 27.53
C LYS A 241 15.58 -1.42 27.65
N ARG A 242 16.77 -1.99 27.57
CA ARG A 242 17.99 -1.20 27.64
C ARG A 242 18.04 -0.15 26.53
N ALA A 243 17.69 -0.53 25.31
CA ALA A 243 17.70 0.44 24.21
C ALA A 243 16.69 1.58 24.47
N HIS A 244 15.51 1.26 25.04
CA HIS A 244 14.49 2.31 25.28
C HIS A 244 14.96 3.38 26.25
N GLU A 245 15.61 2.93 27.32
CA GLU A 245 16.18 3.81 28.33
C GLU A 245 17.25 4.71 27.72
N LEU A 246 18.12 4.16 26.88
CA LEU A 246 19.17 4.99 26.27
C LEU A 246 18.57 6.06 25.37
N CYS A 247 17.51 5.69 24.65
CA CYS A 247 16.83 6.61 23.78
C CYS A 247 16.15 7.74 24.59
N ARG A 248 15.41 7.36 25.62
CA ARG A 248 14.75 8.35 26.49
C ARG A 248 15.72 9.30 27.10
N SER A 249 16.85 8.77 27.53
CA SER A 249 17.91 9.61 28.10
C SER A 249 18.34 10.72 27.14
N LYS A 250 18.22 10.47 25.85
CA LYS A 250 18.64 11.45 24.84
C LYS A 250 17.49 12.15 24.10
N ASN A 251 16.27 11.96 24.53
CA ASN A 251 15.09 12.47 23.86
C ASN A 251 15.07 12.02 22.39
N VAL A 252 15.23 10.71 22.21
CA VAL A 252 15.21 10.08 20.90
C VAL A 252 14.05 9.13 20.89
N LEU A 253 13.31 9.13 19.80
CA LEU A 253 12.16 8.31 19.66
C LEU A 253 12.54 6.86 19.40
N LEU A 254 11.86 5.93 20.05
CA LEU A 254 12.12 4.52 19.80
C LEU A 254 10.97 4.07 18.90
N ILE A 255 11.26 3.79 17.62
CA ILE A 255 10.24 3.31 16.65
C ILE A 255 10.36 1.82 16.63
N VAL A 256 9.31 1.10 17.04
CA VAL A 256 9.37 -0.30 17.05
C VAL A 256 8.47 -0.89 15.98
N ASP A 257 9.09 -1.68 15.12
CA ASP A 257 8.42 -2.28 14.00
C ASP A 257 7.91 -3.63 14.45
N GLU A 258 6.62 -3.70 14.67
CA GLU A 258 5.96 -4.95 15.07
C GLU A 258 5.12 -5.47 13.93
N ILE A 259 5.46 -5.09 12.70
CA ILE A 259 4.68 -5.56 11.52
C ILE A 259 4.67 -7.10 11.40
N GLN A 260 5.83 -7.71 11.67
CA GLN A 260 5.97 -9.17 11.63
C GLN A 260 5.88 -9.77 13.04
N THR A 261 6.34 -9.07 14.07
CA THR A 261 6.34 -9.68 15.39
C THR A 261 5.15 -9.48 16.32
N GLY A 262 4.28 -8.54 15.99
CA GLY A 262 3.19 -8.13 16.88
C GLY A 262 2.02 -9.01 16.70
N LEU A 263 0.96 -8.64 17.36
CA LEU A 263 -0.32 -9.31 17.20
C LEU A 263 -0.28 -10.77 17.52
N CYS A 264 0.29 -11.06 18.69
CA CYS A 264 0.27 -12.41 19.29
C CYS A 264 1.23 -13.46 18.76
N ARG A 265 1.88 -13.18 17.63
CA ARG A 265 2.84 -14.08 16.99
C ARG A 265 3.88 -14.62 17.95
N THR A 266 4.42 -13.78 18.84
CA THR A 266 5.45 -14.23 19.79
C THR A 266 4.96 -14.67 21.15
N GLY A 267 3.65 -14.80 21.34
CA GLY A 267 3.13 -15.26 22.65
C GLY A 267 2.62 -14.13 23.51
N ARG A 268 2.83 -12.89 23.03
CA ARG A 268 2.40 -11.65 23.67
C ARG A 268 1.69 -10.75 22.63
N LEU A 269 0.83 -9.84 23.10
CA LEU A 269 0.12 -8.97 22.16
C LEU A 269 1.13 -8.30 21.25
N LEU A 270 2.15 -7.73 21.88
CA LEU A 270 3.27 -7.15 21.18
C LEU A 270 4.53 -7.81 21.63
N ALA A 271 5.49 -8.02 20.71
CA ALA A 271 6.79 -8.61 21.07
C ALA A 271 7.50 -7.71 22.05
N ALA A 272 7.30 -6.40 21.91
CA ALA A 272 7.89 -5.43 22.84
C ALA A 272 7.48 -5.69 24.32
N ASP A 273 6.34 -6.37 24.52
CA ASP A 273 5.81 -6.68 25.85
C ASP A 273 6.74 -7.59 26.63
N HIS A 274 7.48 -8.42 25.92
CA HIS A 274 8.45 -9.31 26.56
C HIS A 274 9.44 -8.47 27.40
N ASP A 275 9.68 -7.22 27.00
CA ASP A 275 10.59 -6.30 27.74
C ASP A 275 9.84 -5.18 28.48
N GLU A 276 8.51 -5.23 28.48
CA GLU A 276 7.70 -4.15 29.08
C GLU A 276 8.02 -2.77 28.45
N VAL A 277 8.25 -2.80 27.14
CA VAL A 277 8.50 -1.61 26.35
C VAL A 277 7.24 -1.16 25.64
N HIS A 278 6.87 0.09 25.85
CA HIS A 278 5.77 0.71 25.13
C HIS A 278 6.54 1.59 24.08
N PRO A 279 6.53 1.15 22.80
CA PRO A 279 7.25 1.97 21.83
C PRO A 279 6.73 3.42 21.78
N ASP A 280 7.61 4.39 21.53
CA ASP A 280 7.20 5.76 21.30
C ASP A 280 6.33 5.82 20.02
N ILE A 281 6.76 5.12 18.96
CA ILE A 281 5.95 4.97 17.74
C ILE A 281 5.91 3.46 17.49
N LEU A 282 4.69 2.91 17.39
CA LEU A 282 4.46 1.52 17.10
C LEU A 282 4.02 1.35 15.62
N LEU A 283 4.56 0.37 14.96
CA LEU A 283 4.12 0.01 13.61
C LEU A 283 3.50 -1.38 13.65
N LEU A 284 2.31 -1.51 13.07
CA LEU A 284 1.61 -2.80 12.87
C LEU A 284 1.24 -2.93 11.39
N GLY A 285 1.06 -4.17 10.96
CA GLY A 285 0.63 -4.39 9.60
C GLY A 285 0.30 -5.86 9.50
N LYS A 286 0.55 -6.41 8.33
CA LYS A 286 0.35 -7.85 8.12
C LYS A 286 -0.93 -8.50 8.75
N SER A 287 -0.83 -9.22 9.86
CA SER A 287 -2.02 -9.85 10.48
C SER A 287 -3.00 -8.81 11.04
N LEU A 288 -2.69 -7.51 10.96
CA LEU A 288 -3.70 -6.50 11.36
C LEU A 288 -5.01 -6.72 10.56
N SER A 289 -4.87 -7.23 9.33
CA SER A 289 -6.05 -7.54 8.48
C SER A 289 -6.36 -9.04 8.31
N ALA A 290 -5.64 -9.90 9.05
CA ALA A 290 -5.70 -11.32 8.89
C ALA A 290 -5.40 -11.78 7.44
N GLY A 291 -4.58 -11.00 6.73
CA GLY A 291 -4.13 -11.28 5.36
C GLY A 291 -5.19 -11.08 4.31
N VAL A 292 -6.24 -10.33 4.65
CA VAL A 292 -7.39 -10.14 3.75
C VAL A 292 -7.27 -8.90 2.85
N VAL A 293 -6.74 -7.80 3.39
CA VAL A 293 -6.56 -6.62 2.57
C VAL A 293 -5.37 -5.89 3.20
N PRO A 294 -4.65 -5.12 2.42
CA PRO A 294 -3.50 -4.42 3.04
C PRO A 294 -3.89 -3.22 3.94
N ILE A 295 -3.62 -3.31 5.23
CA ILE A 295 -3.85 -2.19 6.17
C ILE A 295 -2.69 -2.23 7.16
N SER A 296 -2.06 -1.08 7.36
CA SER A 296 -0.98 -0.93 8.29
C SER A 296 -1.30 0.23 9.23
N ALA A 297 -0.58 0.33 10.37
CA ALA A 297 -0.88 1.38 11.38
C ALA A 297 0.40 1.87 11.96
N VAL A 298 0.36 3.14 12.30
CA VAL A 298 1.48 3.88 12.97
C VAL A 298 0.78 4.53 14.12
N MET A 299 1.23 4.24 15.35
CA MET A 299 0.56 4.80 16.55
C MET A 299 1.58 5.48 17.44
N GLY A 300 1.13 6.53 18.10
CA GLY A 300 2.02 7.34 18.95
C GLY A 300 1.28 8.30 19.84
N ARG A 301 2.00 8.90 20.78
CA ARG A 301 1.42 9.91 21.64
C ARG A 301 1.09 11.17 20.84
N ALA A 302 0.15 11.93 21.35
CA ALA A 302 -0.32 13.13 20.68
C ALA A 302 0.75 14.13 20.29
N ASP A 303 1.71 14.37 21.17
CA ASP A 303 2.72 15.43 20.85
C ASP A 303 3.77 15.04 19.79
N VAL A 304 3.74 13.77 19.40
CA VAL A 304 4.58 13.27 18.36
C VAL A 304 3.73 13.18 17.10
N MET A 305 2.65 12.43 17.17
CA MET A 305 1.82 12.27 15.98
C MET A 305 1.18 13.56 15.42
N ASP A 306 0.94 14.56 16.26
CA ASP A 306 0.23 15.79 15.82
C ASP A 306 1.08 16.67 14.94
N VAL A 307 2.37 16.33 14.75
CA VAL A 307 3.21 17.14 13.81
C VAL A 307 2.70 16.91 12.37
N LEU A 308 1.97 15.81 12.14
CA LEU A 308 1.36 15.57 10.81
C LEU A 308 0.07 16.36 10.65
N LYS A 309 0.23 17.64 10.34
CA LYS A 309 -0.87 18.57 10.15
C LYS A 309 -1.59 18.35 8.82
N PRO A 310 -2.82 18.90 8.68
CA PRO A 310 -3.57 18.73 7.42
C PRO A 310 -2.77 19.06 6.18
N GLY A 311 -2.78 18.15 5.22
CA GLY A 311 -2.06 18.38 4.01
C GLY A 311 -0.60 17.95 3.98
N THR A 312 -0.04 17.58 5.15
CA THR A 312 1.38 17.17 5.22
C THR A 312 1.61 15.68 5.05
N HIS A 313 0.51 14.91 4.95
CA HIS A 313 0.63 13.50 4.75
C HIS A 313 -0.75 13.04 4.30
N GLY A 314 -0.80 11.95 3.59
CA GLY A 314 -2.11 11.41 3.10
C GLY A 314 -1.90 10.04 2.44
N SER A 315 -3.00 9.48 1.94
CA SER A 315 -2.97 8.18 1.29
C SER A 315 -4.37 7.97 0.77
N THR A 316 -4.51 7.60 -0.48
CA THR A 316 -5.84 7.41 -1.05
C THR A 316 -6.62 6.36 -0.26
N PHE A 317 -6.04 5.21 -0.10
CA PHE A 317 -6.78 4.12 0.59
C PHE A 317 -6.55 3.99 2.07
N GLY A 318 -5.56 4.71 2.62
CA GLY A 318 -5.31 4.64 4.06
C GLY A 318 -6.57 4.96 4.87
N GLY A 319 -6.97 4.02 5.73
CA GLY A 319 -8.11 4.18 6.61
C GLY A 319 -9.46 3.95 5.95
N ASN A 320 -9.45 3.34 4.79
CA ASN A 320 -10.72 3.11 4.10
C ASN A 320 -11.62 2.27 4.99
N PRO A 321 -12.96 2.45 4.88
CA PRO A 321 -13.87 1.72 5.75
C PRO A 321 -13.88 0.23 5.65
N LEU A 322 -13.57 -0.31 4.48
CA LEU A 322 -13.58 -1.77 4.35
C LEU A 322 -12.45 -2.37 5.12
N ALA A 323 -11.28 -1.77 5.00
CA ALA A 323 -10.11 -2.26 5.71
C ALA A 323 -10.27 -2.08 7.22
N CYS A 324 -10.86 -0.97 7.67
CA CYS A 324 -11.10 -0.71 9.11
C CYS A 324 -12.01 -1.80 9.66
N ALA A 325 -13.11 -2.07 8.97
CA ALA A 325 -14.00 -3.12 9.40
C ALA A 325 -13.27 -4.46 9.56
N VAL A 326 -12.52 -4.83 8.54
CA VAL A 326 -11.72 -6.02 8.57
C VAL A 326 -10.74 -6.07 9.72
N ALA A 327 -10.02 -4.99 9.93
CA ALA A 327 -9.02 -4.98 10.95
C ALA A 327 -9.63 -5.10 12.32
N VAL A 328 -10.75 -4.44 12.55
CA VAL A 328 -11.37 -4.52 13.84
C VAL A 328 -11.75 -6.00 14.08
N GLU A 329 -12.31 -6.68 13.07
CA GLU A 329 -12.70 -8.07 13.26
C GLU A 329 -11.45 -8.99 13.46
N ALA A 330 -10.38 -8.68 12.74
CA ALA A 330 -9.13 -9.45 12.79
C ALA A 330 -8.48 -9.36 14.17
N LEU A 331 -8.54 -8.17 14.73
CA LEU A 331 -7.93 -7.92 16.04
C LEU A 331 -8.81 -8.58 17.12
N THR A 332 -10.09 -8.60 16.92
CA THR A 332 -10.98 -9.20 17.90
C THR A 332 -10.77 -10.73 17.92
N VAL A 333 -10.54 -11.32 16.76
CA VAL A 333 -10.26 -12.77 16.67
C VAL A 333 -9.01 -13.09 17.53
N LEU A 334 -7.97 -12.28 17.41
CA LEU A 334 -6.79 -12.54 18.21
C LEU A 334 -7.06 -12.62 19.73
N LYS A 335 -7.89 -11.71 20.23
CA LYS A 335 -8.22 -11.65 21.63
C LYS A 335 -9.25 -12.76 21.97
N ASP A 336 -10.30 -12.89 21.19
CA ASP A 336 -11.35 -13.94 21.46
C ASP A 336 -10.84 -15.39 21.43
N GLU A 337 -9.95 -15.71 20.51
CA GLU A 337 -9.39 -17.06 20.39
C GLU A 337 -8.12 -17.26 21.21
N LYS A 338 -7.81 -16.25 22.03
CA LYS A 338 -6.65 -16.30 22.91
C LYS A 338 -5.48 -16.83 22.13
N LEU A 339 -5.16 -16.17 21.04
CA LEU A 339 -4.07 -16.64 20.19
C LEU A 339 -2.67 -16.32 20.72
N ALA A 340 -2.55 -15.36 21.61
CA ALA A 340 -1.24 -15.13 22.26
C ALA A 340 -0.92 -16.34 23.15
N ASP A 341 -1.91 -16.78 23.93
CA ASP A 341 -1.75 -17.99 24.80
C ASP A 341 -1.45 -19.20 23.95
N ARG A 342 -2.15 -19.29 22.82
N ARG A 342 -2.15 -19.34 22.81
CA ARG A 342 -1.95 -20.38 21.93
CA ARG A 342 -1.92 -20.48 21.91
C ARG A 342 -0.53 -20.42 21.37
C ARG A 342 -0.51 -20.45 21.35
N ALA A 343 -0.04 -19.28 20.93
CA ALA A 343 1.31 -19.17 20.37
C ALA A 343 2.43 -19.48 21.36
N GLU A 344 2.24 -19.02 22.61
CA GLU A 344 3.20 -19.27 23.69
C GLU A 344 3.27 -20.78 23.96
N ARG A 345 2.09 -21.37 24.17
CA ARG A 345 2.00 -22.79 24.55
C ARG A 345 2.53 -23.69 23.44
N LEU A 346 1.97 -23.56 22.24
CA LEU A 346 2.41 -24.38 21.10
C LEU A 346 3.84 -24.15 20.68
N GLY A 347 4.32 -22.90 20.72
CA GLY A 347 5.69 -22.57 20.32
C GLY A 347 6.74 -23.15 21.23
N ALA A 348 6.47 -23.14 22.53
CA ALA A 348 7.37 -23.74 23.50
C ALA A 348 7.41 -25.23 23.20
N GLN A 349 6.24 -25.84 22.96
CA GLN A 349 6.21 -27.28 22.68
C GLN A 349 6.98 -27.54 21.41
N PHE A 350 6.83 -26.66 20.41
CA PHE A 350 7.54 -26.84 19.12
C PHE A 350 9.05 -26.80 19.34
N ARG A 351 9.54 -25.79 20.03
CA ARG A 351 11.00 -25.65 20.22
C ARG A 351 11.53 -26.79 21.11
N ASP A 352 10.76 -27.18 22.13
CA ASP A 352 11.19 -28.28 23.02
C ASP A 352 11.31 -29.57 22.23
N CYS A 353 10.29 -29.90 21.43
N CYS A 353 10.30 -29.84 21.42
CA CYS A 353 10.31 -31.15 20.62
CA CYS A 353 10.28 -31.06 20.63
C CYS A 353 11.43 -31.13 19.57
C CYS A 353 11.41 -31.11 19.59
N LEU A 354 11.65 -30.00 18.91
CA LEU A 354 12.73 -29.94 17.90
C LEU A 354 14.10 -30.06 18.52
N ARG A 355 14.33 -29.37 19.62
CA ARG A 355 15.61 -29.44 20.30
C ARG A 355 15.87 -30.88 20.77
N ARG A 356 14.86 -31.50 21.37
CA ARG A 356 15.01 -32.86 21.90
C ARG A 356 15.35 -33.90 20.83
N GLU A 357 14.67 -33.85 19.70
CA GLU A 357 14.83 -34.83 18.62
C GLU A 357 15.86 -34.48 17.54
N LEU A 358 16.29 -33.23 17.50
CA LEU A 358 17.20 -32.81 16.42
C LEU A 358 18.60 -32.43 16.88
N TYR A 359 18.72 -31.71 18.00
CA TYR A 359 20.08 -31.39 18.43
C TYR A 359 20.85 -32.70 18.69
N GLY A 360 22.14 -32.70 18.35
CA GLY A 360 22.97 -33.88 18.55
C GLY A 360 22.80 -34.85 17.39
N LYS A 361 21.55 -35.23 17.10
CA LYS A 361 21.22 -36.16 16.00
C LYS A 361 21.46 -35.58 14.60
N VAL A 362 21.16 -34.29 14.41
CA VAL A 362 21.36 -33.62 13.11
C VAL A 362 22.42 -32.53 13.30
N PRO A 363 23.68 -32.84 12.93
CA PRO A 363 24.83 -31.94 13.20
C PRO A 363 24.89 -30.62 12.46
N TRP A 364 24.24 -30.55 11.31
CA TRP A 364 24.26 -29.36 10.45
C TRP A 364 23.23 -28.29 10.85
N ILE A 365 22.41 -28.59 11.86
CA ILE A 365 21.50 -27.60 12.40
C ILE A 365 22.35 -26.73 13.31
N LYS A 366 22.34 -25.42 13.10
CA LYS A 366 23.17 -24.51 13.93
C LYS A 366 22.41 -24.00 15.15
N GLU A 367 21.17 -23.63 14.95
CA GLU A 367 20.36 -23.15 16.06
C GLU A 367 18.90 -23.32 15.78
N ILE A 368 18.14 -23.66 16.82
CA ILE A 368 16.69 -23.73 16.81
C ILE A 368 16.31 -22.52 17.69
N ARG A 369 15.60 -21.54 17.13
CA ARG A 369 15.30 -20.32 17.90
C ARG A 369 13.99 -19.69 17.53
N GLY A 370 13.50 -18.86 18.45
CA GLY A 370 12.29 -18.12 18.27
C GLY A 370 11.56 -17.82 19.56
N ARG A 371 10.41 -17.16 19.40
CA ARG A 371 9.52 -16.92 20.53
C ARG A 371 8.13 -17.25 20.02
N GLY A 372 7.26 -17.73 20.89
CA GLY A 372 5.90 -18.04 20.45
C GLY A 372 6.00 -18.91 19.20
N LEU A 373 5.15 -18.63 18.21
CA LEU A 373 5.16 -19.34 16.92
C LEU A 373 5.94 -18.63 15.81
N LEU A 374 6.96 -17.87 16.20
CA LEU A 374 7.87 -17.24 15.22
C LEU A 374 9.18 -17.99 15.45
N ASN A 375 9.31 -19.13 14.76
CA ASN A 375 10.46 -20.01 14.96
C ASN A 375 11.26 -20.21 13.73
N ALA A 376 12.55 -20.46 13.96
CA ALA A 376 13.47 -20.73 12.89
C ALA A 376 14.46 -21.86 13.22
N VAL A 377 14.94 -22.53 12.17
CA VAL A 377 15.99 -23.54 12.32
C VAL A 377 17.06 -23.10 11.31
N GLU A 378 18.17 -22.56 11.78
CA GLU A 378 19.20 -22.14 10.85
C GLU A 378 20.11 -23.33 10.66
N VAL A 379 20.41 -23.59 9.39
CA VAL A 379 21.28 -24.69 9.00
C VAL A 379 22.62 -24.16 8.50
N ASP A 380 23.61 -25.04 8.54
CA ASP A 380 24.97 -24.73 8.09
C ASP A 380 24.98 -25.05 6.60
N SER A 381 25.05 -24.00 5.79
CA SER A 381 25.00 -24.18 4.33
C SER A 381 26.24 -24.81 3.76
N ASP A 382 27.30 -24.92 4.56
CA ASP A 382 28.50 -25.59 4.08
C ASP A 382 28.52 -27.07 4.41
N ALA A 383 27.46 -27.58 5.01
CA ALA A 383 27.34 -29.02 5.34
C ALA A 383 26.11 -29.64 4.66
N ILE A 384 25.15 -28.81 4.31
CA ILE A 384 23.92 -29.30 3.71
C ILE A 384 23.44 -28.26 2.73
N ASP A 385 22.69 -28.71 1.73
CA ASP A 385 22.04 -27.82 0.79
C ASP A 385 20.68 -27.43 1.47
N PRO A 386 20.51 -26.14 1.81
CA PRO A 386 19.25 -25.76 2.48
C PRO A 386 17.97 -26.13 1.75
N ASN A 387 18.01 -26.08 0.44
CA ASN A 387 16.85 -26.41 -0.39
C ASN A 387 16.35 -27.85 -0.22
N ASP A 388 17.25 -28.77 0.09
CA ASP A 388 16.86 -30.17 0.31
C ASP A 388 15.90 -30.27 1.47
N VAL A 389 16.17 -29.45 2.51
CA VAL A 389 15.32 -29.39 3.68
C VAL A 389 13.95 -28.88 3.22
N VAL A 390 13.97 -27.82 2.42
CA VAL A 390 12.72 -27.18 1.93
C VAL A 390 11.88 -28.14 1.12
N MET A 391 12.51 -28.93 0.27
CA MET A 391 11.74 -29.90 -0.55
C MET A 391 11.20 -31.08 0.27
N LYS A 392 11.98 -31.54 1.24
CA LYS A 392 11.56 -32.68 2.06
C LYS A 392 10.40 -32.24 2.95
N LEU A 393 10.50 -31.00 3.41
CA LEU A 393 9.41 -30.43 4.19
C LEU A 393 8.17 -30.48 3.33
N LYS A 394 8.31 -30.06 2.08
CA LYS A 394 7.18 -30.06 1.15
C LYS A 394 6.66 -31.46 0.86
N GLU A 395 7.60 -32.39 0.61
CA GLU A 395 7.25 -33.78 0.38
C GLU A 395 6.41 -34.30 1.55
N ASN A 396 6.71 -33.83 2.76
CA ASN A 396 5.93 -34.19 3.97
C ASN A 396 4.72 -33.32 4.32
N GLY A 397 4.30 -32.47 3.38
CA GLY A 397 3.09 -31.65 3.52
C GLY A 397 3.28 -30.34 4.28
N ILE A 398 4.51 -29.85 4.32
CA ILE A 398 4.85 -28.63 5.04
C ILE A 398 5.42 -27.59 4.06
N LEU A 399 4.68 -26.48 3.89
CA LEU A 399 5.11 -25.38 3.02
C LEU A 399 5.79 -24.31 3.84
N SER A 400 7.01 -23.97 3.42
CA SER A 400 7.82 -23.00 4.12
C SER A 400 8.75 -22.37 3.13
N LYS A 401 9.21 -21.17 3.46
CA LYS A 401 10.13 -20.41 2.63
C LYS A 401 11.20 -19.90 3.58
N PRO A 402 12.46 -20.19 3.29
CA PRO A 402 13.50 -19.75 4.22
C PRO A 402 13.82 -18.31 3.96
N THR A 403 14.79 -17.77 4.70
CA THR A 403 15.26 -16.44 4.43
C THR A 403 16.75 -16.58 4.49
N ARG A 404 17.42 -15.71 3.78
CA ARG A 404 18.89 -15.75 3.71
C ARG A 404 19.41 -17.16 3.34
N GLY A 405 18.61 -17.90 2.57
CA GLY A 405 19.01 -19.25 2.12
C GLY A 405 18.94 -20.32 3.21
N ARG A 406 19.73 -20.10 4.27
CA ARG A 406 19.88 -21.08 5.36
C ARG A 406 18.95 -21.01 6.59
N VAL A 407 18.08 -20.00 6.67
CA VAL A 407 17.21 -19.87 7.82
C VAL A 407 15.84 -20.41 7.45
N MET A 408 15.59 -21.64 7.86
CA MET A 408 14.29 -22.28 7.66
C MET A 408 13.31 -21.62 8.62
N ARG A 409 12.10 -21.29 8.17
CA ARG A 409 11.15 -20.61 9.03
C ARG A 409 9.90 -21.41 9.27
N PHE A 410 9.37 -21.34 10.48
CA PHE A 410 8.15 -22.07 10.83
C PHE A 410 7.27 -21.03 11.47
N ILE A 411 6.31 -20.57 10.66
CA ILE A 411 5.43 -19.49 10.94
C ILE A 411 4.02 -19.88 10.51
N PRO A 412 3.42 -20.77 11.29
CA PRO A 412 2.10 -21.20 10.88
C PRO A 412 1.05 -20.24 11.40
N PRO A 413 -0.19 -20.37 10.89
CA PRO A 413 -1.21 -19.54 11.48
C PRO A 413 -1.34 -19.92 12.98
N LEU A 414 -1.64 -18.96 13.84
CA LEU A 414 -1.77 -19.24 15.28
C LEU A 414 -2.95 -20.12 15.61
N VAL A 415 -3.95 -20.09 14.72
CA VAL A 415 -5.14 -20.91 14.88
C VAL A 415 -4.94 -22.39 14.68
N ILE A 416 -3.73 -22.80 14.31
CA ILE A 416 -3.44 -24.22 14.08
C ILE A 416 -3.91 -25.02 15.32
N THR A 417 -4.75 -26.02 15.14
CA THR A 417 -5.23 -26.77 16.29
C THR A 417 -4.15 -27.64 17.01
N ASP A 418 -4.49 -28.15 18.22
CA ASP A 418 -3.55 -29.00 18.97
C ASP A 418 -3.18 -30.22 18.16
N GLU A 419 -4.21 -30.85 17.60
CA GLU A 419 -3.98 -32.03 16.77
C GLU A 419 -3.15 -31.69 15.51
N GLU A 420 -3.51 -30.64 14.80
CA GLU A 420 -2.74 -30.25 13.59
C GLU A 420 -1.25 -29.85 13.90
N HIS A 421 -1.05 -29.19 15.04
CA HIS A 421 0.29 -28.79 15.41
C HIS A 421 1.11 -30.01 15.84
N ARG A 422 0.46 -30.99 16.50
CA ARG A 422 1.20 -32.21 16.90
C ARG A 422 1.64 -32.88 15.58
N ASP A 423 0.67 -33.00 14.65
CA ASP A 423 0.89 -33.62 13.35
C ASP A 423 2.04 -32.96 12.57
N ALA A 424 1.97 -31.64 12.47
CA ALA A 424 2.94 -30.87 11.73
C ALA A 424 4.30 -30.96 12.36
N THR A 425 4.33 -30.90 13.69
CA THR A 425 5.61 -31.04 14.43
C THR A 425 6.30 -32.33 14.05
N THR A 426 5.56 -33.46 14.09
CA THR A 426 6.09 -34.79 13.72
C THR A 426 6.61 -34.71 12.27
N ARG A 427 5.80 -34.13 11.38
CA ARG A 427 6.16 -34.02 9.96
C ARG A 427 7.45 -33.22 9.73
N ILE A 428 7.62 -32.14 10.48
CA ILE A 428 8.83 -31.31 10.39
C ILE A 428 10.07 -32.06 10.89
N ILE A 429 9.93 -32.68 12.07
CA ILE A 429 11.06 -33.46 12.62
C ILE A 429 11.44 -34.57 11.64
N LYS A 430 10.42 -35.29 11.14
CA LYS A 430 10.62 -36.40 10.18
C LYS A 430 11.42 -35.91 8.96
N SER A 431 11.22 -34.63 8.59
CA SER A 431 11.87 -34.07 7.41
C SER A 431 13.31 -33.79 7.65
N PHE A 432 13.62 -33.25 8.83
CA PHE A 432 15.00 -32.95 9.17
C PHE A 432 15.84 -34.23 9.30
N LEU A 433 15.27 -35.22 9.97
CA LEU A 433 15.97 -36.51 10.19
C LEU A 433 16.17 -37.30 8.90
N ALA A 434 15.22 -37.24 7.98
CA ALA A 434 15.32 -37.91 6.67
C ALA A 434 16.44 -37.27 5.81
N VAL A 435 16.66 -35.97 5.96
CA VAL A 435 17.71 -35.25 5.22
C VAL A 435 19.07 -35.63 5.81
N GLU A 436 19.07 -35.94 7.10
CA GLU A 436 20.28 -36.37 7.79
C GLU A 436 20.62 -37.79 7.38
N GLU A 437 19.62 -38.67 7.51
CA GLU A 437 19.76 -40.09 7.15
C GLU A 437 20.26 -40.15 5.67
N GLU A 438 19.73 -39.27 4.81
CA GLU A 438 20.15 -39.17 3.38
C GLU A 438 21.53 -38.55 3.25
N ARG A 439 21.97 -37.80 4.24
CA ARG A 439 23.33 -37.34 4.21
C ARG A 439 24.08 -38.45 4.97
N THR B 20 -21.44 -7.39 13.21
CA THR B 20 -19.96 -7.66 13.17
C THR B 20 -19.27 -6.80 14.18
N ASN B 21 -17.99 -7.08 14.46
CA ASN B 21 -17.28 -6.38 15.53
C ASN B 21 -17.24 -4.87 15.38
N ILE B 22 -17.10 -4.40 14.14
CA ILE B 22 -17.06 -2.96 13.96
C ILE B 22 -18.43 -2.32 14.25
N GLU B 23 -19.50 -3.04 13.91
CA GLU B 23 -20.85 -2.53 14.11
C GLU B 23 -21.19 -2.57 15.62
N ALA B 24 -20.79 -3.65 16.28
CA ALA B 24 -21.06 -3.81 17.72
C ALA B 24 -20.31 -2.77 18.53
N TYR B 25 -19.04 -2.61 18.21
CA TYR B 25 -18.23 -1.67 18.92
C TYR B 25 -18.76 -0.26 18.73
N ARG B 26 -19.14 0.09 17.52
CA ARG B 26 -19.71 1.43 17.24
C ARG B 26 -20.96 1.70 18.03
N ASP B 27 -21.89 0.75 18.03
CA ASP B 27 -23.15 0.91 18.79
C ASP B 27 -22.87 1.16 20.25
N GLY B 28 -21.93 0.39 20.79
CA GLY B 28 -21.51 0.51 22.17
C GLY B 28 -21.01 1.91 22.48
N LEU B 29 -20.42 2.58 21.50
CA LEU B 29 -19.91 3.96 21.68
C LEU B 29 -21.03 5.02 21.64
N LYS B 30 -22.21 4.67 21.12
CA LYS B 30 -23.37 5.58 21.13
C LYS B 30 -23.08 6.89 20.39
N LEU B 31 -22.60 6.76 19.16
CA LEU B 31 -22.29 7.88 18.27
C LEU B 31 -23.53 8.14 17.42
N LYS B 32 -24.29 9.18 17.77
CA LYS B 32 -25.53 9.48 17.04
C LYS B 32 -25.38 10.55 15.99
N THR B 33 -24.93 11.73 16.40
CA THR B 33 -24.84 12.86 15.50
C THR B 33 -23.58 12.92 14.72
N GLU B 34 -23.58 13.79 13.72
CA GLU B 34 -22.42 13.98 12.92
C GLU B 34 -21.32 14.44 13.89
N GLU B 35 -21.63 15.36 14.79
CA GLU B 35 -20.58 15.81 15.79
C GLU B 35 -20.01 14.68 16.67
N ASP B 36 -20.80 13.65 17.00
CA ASP B 36 -20.28 12.54 17.80
C ASP B 36 -19.12 11.88 17.05
N PHE B 37 -19.26 11.79 15.74
CA PHE B 37 -18.21 11.21 14.88
C PHE B 37 -17.06 12.17 14.65
N PHE B 38 -17.36 13.45 14.45
CA PHE B 38 -16.27 14.42 14.23
C PHE B 38 -15.37 14.41 15.46
N ALA B 39 -15.99 14.31 16.64
CA ALA B 39 -15.21 14.31 17.87
C ALA B 39 -14.34 13.06 18.00
N CYS B 40 -14.92 11.91 17.68
CA CYS B 40 -14.21 10.62 17.76
C CYS B 40 -12.99 10.69 16.86
N ASP B 41 -13.28 11.14 15.66
CA ASP B 41 -12.24 11.29 14.70
C ASP B 41 -11.16 12.27 15.21
N ARG B 42 -11.52 13.41 15.80
CA ARG B 42 -10.49 14.34 16.33
C ARG B 42 -9.65 13.78 17.45
N GLN B 43 -10.22 12.94 18.28
CA GLN B 43 -9.46 12.43 19.40
C GLN B 43 -8.53 11.22 19.11
N TYR B 44 -8.92 10.33 18.21
CA TYR B 44 -8.15 9.10 17.99
C TYR B 44 -7.48 8.94 16.66
N VAL B 45 -7.84 9.75 15.68
CA VAL B 45 -7.29 9.59 14.34
C VAL B 45 -6.19 10.62 14.16
N CYS B 46 -5.08 10.18 13.63
CA CYS B 46 -3.98 11.12 13.31
C CYS B 46 -4.62 12.28 12.53
N GLN B 47 -4.33 13.51 12.94
CA GLN B 47 -4.98 14.72 12.40
C GLN B 47 -4.34 15.31 11.11
N ASN B 48 -4.00 14.42 10.17
CA ASN B 48 -3.36 14.85 8.92
C ASN B 48 -4.33 15.20 7.80
N TYR B 49 -5.64 15.17 8.07
CA TYR B 49 -6.62 15.65 7.10
C TYR B 49 -7.42 16.79 7.65
N ALA B 50 -7.85 17.70 6.78
CA ALA B 50 -8.67 18.82 7.21
C ALA B 50 -10.05 18.37 7.70
N PRO B 51 -10.75 19.28 8.40
CA PRO B 51 -12.09 18.91 8.84
C PRO B 51 -12.95 18.50 7.64
N VAL B 52 -13.81 17.53 7.90
CA VAL B 52 -14.66 16.98 6.87
C VAL B 52 -16.08 17.49 7.06
N PRO B 53 -16.79 17.68 5.97
CA PRO B 53 -18.11 18.24 6.10
C PRO B 53 -19.25 17.24 6.37
N VAL B 54 -18.99 15.93 6.32
CA VAL B 54 -20.08 14.97 6.35
C VAL B 54 -19.65 13.61 6.89
N VAL B 55 -20.61 12.83 7.35
CA VAL B 55 -20.34 11.49 7.82
C VAL B 55 -21.12 10.48 6.95
N ILE B 56 -20.42 9.90 5.98
CA ILE B 56 -20.98 8.95 5.05
C ILE B 56 -21.12 7.56 5.62
N SER B 57 -22.27 6.95 5.41
CA SER B 57 -22.48 5.58 5.90
C SER B 57 -22.79 4.57 4.79
N LYS B 58 -23.13 5.05 3.60
CA LYS B 58 -23.43 4.15 2.50
C LYS B 58 -23.17 4.79 1.16
N GLY B 59 -22.70 3.98 0.24
CA GLY B 59 -22.46 4.41 -1.11
C GLY B 59 -23.10 3.38 -2.04
N LYS B 60 -23.62 3.88 -3.17
CA LYS B 60 -24.18 3.03 -4.23
C LYS B 60 -24.17 3.84 -5.51
N GLY B 61 -23.40 3.39 -6.50
CA GLY B 61 -23.34 4.06 -7.78
C GLY B 61 -22.71 5.42 -7.59
N ALA B 62 -23.37 6.45 -8.11
CA ALA B 62 -22.87 7.84 -7.97
C ALA B 62 -23.35 8.55 -6.70
N ARG B 63 -24.15 7.85 -5.89
CA ARG B 63 -24.74 8.44 -4.70
C ARG B 63 -24.13 7.92 -3.39
N VAL B 64 -24.18 8.77 -2.35
CA VAL B 64 -23.81 8.40 -1.00
C VAL B 64 -24.86 8.98 -0.05
N TRP B 65 -25.00 8.37 1.10
CA TRP B 65 -25.89 8.87 2.14
C TRP B 65 -25.14 9.06 3.42
N ASP B 66 -25.43 10.15 4.12
CA ASP B 66 -24.81 10.38 5.42
C ASP B 66 -25.59 9.60 6.46
N ILE B 67 -25.14 9.67 7.70
CA ILE B 67 -25.74 8.91 8.77
C ILE B 67 -27.18 9.28 9.10
N ASN B 68 -27.67 10.40 8.57
CA ASN B 68 -29.02 10.85 8.81
C ASN B 68 -29.95 10.52 7.65
N GLY B 69 -29.42 9.87 6.59
CA GLY B 69 -30.23 9.51 5.44
C GLY B 69 -30.19 10.54 4.33
N ASN B 70 -29.49 11.65 4.54
CA ASN B 70 -29.40 12.66 3.49
C ASN B 70 -28.58 12.12 2.35
N GLU B 71 -29.01 12.38 1.12
CA GLU B 71 -28.37 11.86 -0.07
C GLU B 71 -27.56 12.94 -0.79
N TYR B 72 -26.46 12.51 -1.39
CA TYR B 72 -25.63 13.41 -2.18
C TYR B 72 -25.06 12.69 -3.37
N TYR B 73 -24.66 13.45 -4.37
CA TYR B 73 -23.90 12.93 -5.48
C TYR B 73 -22.43 13.04 -5.06
N ASP B 74 -21.69 11.94 -5.14
CA ASP B 74 -20.26 11.94 -4.83
C ASP B 74 -19.52 12.46 -6.07
N PHE B 75 -19.05 13.71 -5.97
CA PHE B 75 -18.26 14.34 -7.05
C PHE B 75 -16.76 14.38 -6.79
N LEU B 76 -16.27 13.44 -5.97
CA LEU B 76 -14.83 13.28 -5.72
C LEU B 76 -14.47 11.85 -6.14
N ALA B 77 -15.34 10.90 -5.85
CA ALA B 77 -15.14 9.50 -6.26
C ALA B 77 -13.75 8.96 -5.98
N GLY B 78 -13.24 9.29 -4.80
CA GLY B 78 -11.95 8.77 -4.41
C GLY B 78 -10.83 9.34 -5.24
N VAL B 79 -11.07 10.52 -5.78
CA VAL B 79 -10.21 11.18 -6.76
C VAL B 79 -10.00 10.19 -7.94
N SER B 80 -11.12 9.72 -8.47
CA SER B 80 -11.13 8.77 -9.57
C SER B 80 -10.74 7.33 -9.20
N SER B 81 -11.05 6.91 -7.94
CA SER B 81 -10.86 5.54 -7.51
C SER B 81 -12.14 4.77 -7.62
N LEU B 82 -13.24 5.49 -7.71
CA LEU B 82 -14.57 4.89 -7.75
C LEU B 82 -15.28 5.13 -9.10
N SER B 83 -14.55 4.97 -10.20
CA SER B 83 -15.19 5.16 -11.52
C SER B 83 -16.38 4.25 -11.74
N GLN B 84 -16.27 3.05 -11.23
CA GLN B 84 -17.35 2.04 -11.38
C GLN B 84 -18.49 2.25 -10.43
N GLY B 85 -18.40 3.31 -9.63
CA GLY B 85 -19.40 3.61 -8.59
C GLY B 85 -19.15 2.88 -7.28
N HIS B 86 -19.80 3.35 -6.22
CA HIS B 86 -19.71 2.73 -4.93
C HIS B 86 -20.43 1.40 -4.92
N CYS B 87 -19.83 0.37 -4.29
CA CYS B 87 -20.49 -0.92 -4.12
C CYS B 87 -21.07 -1.50 -5.41
N HIS B 88 -20.25 -1.58 -6.46
CA HIS B 88 -20.72 -2.16 -7.73
C HIS B 88 -20.99 -3.65 -7.50
N PRO B 89 -22.20 -4.13 -7.74
CA PRO B 89 -22.48 -5.53 -7.43
C PRO B 89 -21.57 -6.61 -7.95
N ARG B 90 -21.09 -6.44 -9.19
CA ARG B 90 -20.20 -7.43 -9.76
C ARG B 90 -18.85 -7.42 -9.02
N VAL B 91 -18.37 -6.22 -8.72
CA VAL B 91 -17.08 -6.13 -8.03
C VAL B 91 -17.16 -6.74 -6.62
N ILE B 92 -18.23 -6.41 -5.89
CA ILE B 92 -18.46 -7.00 -4.55
C ILE B 92 -18.61 -8.52 -4.65
N ALA B 93 -19.33 -8.98 -5.67
CA ALA B 93 -19.49 -10.41 -5.82
C ALA B 93 -18.15 -11.11 -6.09
N ALA B 94 -17.26 -10.48 -6.85
CA ALA B 94 -15.96 -11.05 -7.20
C ALA B 94 -15.07 -11.08 -5.96
N LEU B 95 -15.11 -9.98 -5.21
CA LEU B 95 -14.42 -9.89 -3.91
C LEU B 95 -14.87 -11.02 -3.04
N CYS B 96 -16.19 -11.12 -2.81
CA CYS B 96 -16.67 -12.12 -1.84
C CYS B 96 -16.42 -13.57 -2.26
N ARG B 97 -16.48 -13.84 -3.56
CA ARG B 97 -16.24 -15.20 -4.03
C ARG B 97 -14.81 -15.63 -3.85
N GLN B 98 -13.90 -14.73 -4.17
CA GLN B 98 -12.51 -15.05 -4.03
C GLN B 98 -12.10 -15.04 -2.54
N ALA B 99 -12.70 -14.18 -1.74
CA ALA B 99 -12.31 -14.08 -0.32
C ALA B 99 -12.68 -15.34 0.41
N GLU B 100 -13.74 -16.04 -0.01
CA GLU B 100 -14.08 -17.30 0.61
C GLU B 100 -13.11 -18.43 0.27
N ARG B 101 -12.27 -18.18 -0.73
CA ARG B 101 -11.40 -19.21 -1.22
C ARG B 101 -9.97 -19.09 -0.80
N LEU B 102 -9.39 -17.93 -1.09
CA LEU B 102 -7.98 -17.66 -0.85
C LEU B 102 -7.71 -16.15 -1.01
N THR B 103 -7.02 -15.51 -0.05
CA THR B 103 -6.70 -14.09 -0.15
C THR B 103 -5.26 -13.76 -0.26
N LEU B 104 -4.42 -14.63 0.24
CA LEU B 104 -2.99 -14.28 0.25
C LEU B 104 -2.13 -15.52 0.32
N THR B 105 -1.12 -15.56 -0.54
CA THR B 105 -0.14 -16.64 -0.50
C THR B 105 1.30 -16.09 -0.37
N LEU B 106 1.46 -14.82 -0.73
CA LEU B 106 2.76 -14.18 -0.92
C LEU B 106 3.23 -14.64 -2.33
N ARG B 107 4.13 -13.88 -2.95
CA ARG B 107 4.67 -14.29 -4.24
C ARG B 107 5.74 -15.35 -4.02
N ALA B 108 6.04 -15.65 -2.76
CA ALA B 108 6.93 -16.76 -2.45
C ALA B 108 6.31 -18.10 -2.85
N PHE B 109 4.98 -18.17 -2.95
CA PHE B 109 4.30 -19.42 -3.40
C PHE B 109 3.45 -19.07 -4.61
N GLY B 110 3.12 -20.05 -5.47
CA GLY B 110 2.27 -19.75 -6.59
C GLY B 110 0.81 -19.86 -6.18
N ASN B 111 -0.08 -19.26 -6.95
CA ASN B 111 -1.49 -19.42 -6.76
C ASN B 111 -2.13 -19.48 -8.15
N ASP B 112 -3.42 -19.76 -8.20
CA ASP B 112 -4.07 -19.85 -9.49
C ASP B 112 -4.77 -18.57 -9.98
N VAL B 113 -4.39 -17.41 -9.42
CA VAL B 113 -5.01 -16.16 -9.80
C VAL B 113 -4.08 -15.08 -10.32
N THR B 114 -2.93 -14.97 -9.68
CA THR B 114 -2.03 -13.86 -9.95
C THR B 114 -1.52 -13.81 -11.39
N GLY B 115 -1.04 -14.97 -11.86
CA GLY B 115 -0.54 -15.06 -13.21
C GLY B 115 -1.59 -14.72 -14.22
N PRO B 116 -2.76 -15.38 -14.12
CA PRO B 116 -3.76 -15.05 -15.07
C PRO B 116 -4.21 -13.59 -15.04
N ALA B 117 -4.20 -12.97 -13.87
CA ALA B 117 -4.65 -11.58 -13.75
C ALA B 117 -3.64 -10.67 -14.46
N CYS B 118 -2.36 -11.01 -14.29
CA CYS B 118 -1.31 -10.23 -14.94
C CYS B 118 -1.39 -10.40 -16.46
N ARG B 119 -1.70 -11.62 -16.92
CA ARG B 119 -1.86 -11.84 -18.35
C ARG B 119 -3.02 -11.00 -18.84
N PHE B 120 -4.12 -10.99 -18.09
CA PHE B 120 -5.32 -10.20 -18.46
C PHE B 120 -4.96 -8.75 -18.65
N MET B 121 -4.22 -8.20 -17.70
CA MET B 121 -3.76 -6.83 -17.78
C MET B 121 -2.74 -6.58 -18.88
N ALA B 122 -1.79 -7.48 -19.08
CA ALA B 122 -0.77 -7.34 -20.11
C ALA B 122 -1.40 -7.22 -21.51
N GLU B 123 -2.43 -8.02 -21.77
CA GLU B 123 -3.11 -7.98 -23.06
C GLU B 123 -4.03 -6.77 -23.17
N MET B 124 -4.67 -6.36 -22.09
CA MET B 124 -5.57 -5.19 -22.16
C MET B 124 -4.82 -3.89 -22.45
N PHE B 125 -3.62 -3.77 -21.86
CA PHE B 125 -2.80 -2.54 -22.02
C PHE B 125 -1.66 -2.68 -22.96
N GLY B 126 -1.31 -3.91 -23.34
CA GLY B 126 -0.28 -4.16 -24.35
C GLY B 126 1.16 -4.09 -23.85
N TYR B 127 1.44 -4.76 -22.74
CA TYR B 127 2.79 -4.78 -22.18
C TYR B 127 3.25 -6.19 -22.00
N ASP B 128 4.56 -6.37 -21.99
CA ASP B 128 5.14 -7.69 -21.80
C ASP B 128 5.01 -8.20 -20.34
N ARG B 129 5.24 -7.29 -19.39
CA ARG B 129 5.29 -7.65 -17.96
C ARG B 129 4.49 -6.69 -17.07
N VAL B 130 3.86 -7.28 -16.05
CA VAL B 130 3.05 -6.56 -15.08
C VAL B 130 3.55 -6.75 -13.66
N LEU B 131 3.86 -5.65 -12.98
CA LEU B 131 4.24 -5.68 -11.59
C LEU B 131 3.09 -5.14 -10.79
N LEU B 132 2.54 -5.94 -9.87
CA LEU B 132 1.46 -5.47 -9.05
C LEU B 132 1.90 -5.08 -7.65
N MET B 133 1.58 -3.86 -7.27
CA MET B 133 1.87 -3.29 -5.96
C MET B 133 0.52 -2.94 -5.31
N ASN B 134 0.55 -2.23 -4.17
CA ASN B 134 -0.69 -1.95 -3.47
C ASN B 134 -1.20 -0.55 -3.65
N THR B 135 -0.33 0.44 -3.58
CA THR B 135 -0.77 1.79 -3.64
C THR B 135 -0.13 2.53 -4.82
N GLY B 136 -0.64 3.71 -5.05
CA GLY B 136 -0.16 4.55 -6.13
C GLY B 136 1.28 4.93 -5.86
N ALA B 137 1.51 5.32 -4.61
CA ALA B 137 2.87 5.69 -4.21
C ALA B 137 3.86 4.54 -4.49
N GLU B 138 3.48 3.30 -4.11
CA GLU B 138 4.33 2.13 -4.35
C GLU B 138 4.60 1.89 -5.89
N ALA B 139 3.62 2.16 -6.71
CA ALA B 139 3.74 2.02 -8.15
C ALA B 139 4.81 3.05 -8.64
N GLY B 140 4.73 4.28 -8.17
CA GLY B 140 5.74 5.28 -8.57
C GLY B 140 7.13 4.89 -8.07
N GLU B 141 7.25 4.46 -6.82
CA GLU B 141 8.52 4.06 -6.25
C GLU B 141 9.11 2.92 -7.07
N SER B 142 8.28 1.96 -7.43
CA SER B 142 8.73 0.83 -8.17
C SER B 142 9.20 1.21 -9.56
N ALA B 143 8.51 2.15 -10.20
CA ALA B 143 8.88 2.61 -11.57
C ALA B 143 10.20 3.35 -11.51
N LEU B 144 10.42 4.13 -10.47
CA LEU B 144 11.73 4.85 -10.31
C LEU B 144 12.92 3.87 -10.11
N LYS B 145 12.70 2.86 -9.27
CA LYS B 145 13.69 1.79 -9.06
C LYS B 145 14.03 1.08 -10.40
N ILE B 146 13.00 0.73 -11.17
CA ILE B 146 13.22 0.09 -12.47
C ILE B 146 14.03 0.96 -13.41
N ALA B 147 13.65 2.23 -13.48
CA ALA B 147 14.26 3.14 -14.39
C ALA B 147 15.68 3.35 -14.00
N ARG B 148 15.93 3.42 -12.69
CA ARG B 148 17.32 3.60 -12.26
C ARG B 148 18.20 2.36 -12.54
N LYS B 149 17.71 1.17 -12.15
CA LYS B 149 18.44 -0.08 -12.33
C LYS B 149 18.66 -0.33 -13.85
N TRP B 150 17.66 0.01 -14.66
CA TRP B 150 17.76 -0.10 -16.14
C TRP B 150 18.83 0.87 -16.64
N ALA B 151 18.84 2.09 -16.10
CA ALA B 151 19.86 3.08 -16.53
C ALA B 151 21.26 2.61 -16.26
N TYR B 152 21.47 2.03 -15.09
CA TYR B 152 22.78 1.53 -14.72
C TYR B 152 23.21 0.27 -15.48
N GLU B 153 22.28 -0.64 -15.73
CA GLU B 153 22.58 -1.95 -16.32
C GLU B 153 22.54 -1.95 -17.84
N VAL B 154 21.64 -1.16 -18.42
CA VAL B 154 21.44 -1.13 -19.87
C VAL B 154 22.03 0.12 -20.50
N LYS B 155 21.76 1.32 -20.01
CA LYS B 155 22.44 2.51 -20.57
C LYS B 155 23.86 2.62 -20.03
N GLU B 156 24.19 1.84 -18.99
CA GLU B 156 25.55 1.87 -18.39
C GLU B 156 26.02 3.26 -17.90
N ILE B 157 25.09 4.08 -17.41
CA ILE B 157 25.51 5.37 -16.88
C ILE B 157 26.27 5.12 -15.56
N PRO B 158 27.09 6.11 -15.15
CA PRO B 158 27.92 5.96 -13.99
C PRO B 158 27.11 5.70 -12.72
N PRO B 159 27.64 4.85 -11.83
CA PRO B 159 26.94 4.53 -10.59
C PRO B 159 26.43 5.77 -9.81
N ASP B 160 25.21 5.65 -9.26
CA ASP B 160 24.55 6.74 -8.49
C ASP B 160 24.28 8.07 -9.22
N SER B 161 24.54 8.14 -10.53
CA SER B 161 24.35 9.38 -11.29
C SER B 161 22.99 9.50 -11.97
N ALA B 162 22.14 8.45 -11.90
CA ALA B 162 20.85 8.49 -12.58
C ALA B 162 19.99 9.69 -12.19
N LYS B 163 19.41 10.34 -13.18
CA LYS B 163 18.49 11.44 -12.91
C LYS B 163 17.12 11.13 -13.48
N VAL B 164 16.08 11.57 -12.77
CA VAL B 164 14.71 11.45 -13.24
C VAL B 164 14.12 12.85 -13.33
N ILE B 165 13.64 13.21 -14.52
CA ILE B 165 12.97 14.51 -14.73
C ILE B 165 11.53 14.39 -14.35
N LEU B 166 11.00 15.31 -13.54
CA LEU B 166 9.55 15.29 -13.21
C LEU B 166 9.10 16.72 -13.35
N CYS B 167 7.79 16.95 -13.17
CA CYS B 167 7.24 18.33 -13.35
C CYS B 167 6.75 19.04 -12.10
N ASN B 168 6.89 20.37 -12.09
CA ASN B 168 6.45 21.21 -10.97
C ASN B 168 4.98 20.88 -10.75
N ASN B 169 4.58 20.78 -9.47
CA ASN B 169 3.21 20.46 -9.04
C ASN B 169 2.79 19.04 -9.28
N ASN B 170 3.76 18.15 -9.61
CA ASN B 170 3.40 16.76 -9.76
C ASN B 170 2.96 16.21 -8.43
N TYR B 171 2.14 15.15 -8.49
CA TYR B 171 1.81 14.40 -7.29
C TYR B 171 1.87 12.92 -7.62
N TRP B 172 2.65 12.14 -6.87
CA TRP B 172 2.69 10.73 -7.07
C TRP B 172 2.65 9.92 -5.79
N GLY B 173 2.58 10.58 -4.64
CA GLY B 173 2.57 9.84 -3.36
C GLY B 173 3.15 10.62 -2.24
N ARG B 174 3.23 9.92 -1.10
CA ARG B 174 3.69 10.49 0.15
C ARG B 174 4.91 9.82 0.81
N THR B 175 5.66 8.97 0.10
CA THR B 175 6.84 8.38 0.66
C THR B 175 7.88 9.52 0.69
N ILE B 176 8.95 9.33 1.41
CA ILE B 176 10.02 10.36 1.48
C ILE B 176 10.53 10.67 0.06
N THR B 177 10.67 9.66 -0.76
CA THR B 177 11.17 9.86 -2.13
C THR B 177 10.19 10.69 -2.94
N ALA B 178 8.90 10.51 -2.74
CA ALA B 178 7.94 11.34 -3.43
C ALA B 178 8.03 12.75 -2.89
N CYS B 179 8.17 12.94 -1.58
CA CYS B 179 8.30 14.29 -0.97
C CYS B 179 9.57 14.99 -1.53
N SER B 180 10.57 14.17 -1.81
CA SER B 180 11.90 14.66 -2.31
C SER B 180 11.79 15.17 -3.73
N SER B 181 10.76 14.75 -4.43
CA SER B 181 10.54 15.14 -5.84
C SER B 181 9.33 16.06 -6.06
N SER B 182 8.79 16.58 -4.96
CA SER B 182 7.64 17.47 -4.98
C SER B 182 8.02 18.92 -4.90
N THR B 183 7.16 19.80 -5.44
CA THR B 183 7.44 21.27 -5.32
C THR B 183 6.34 21.87 -4.47
N THR B 184 5.56 20.99 -3.86
CA THR B 184 4.50 21.46 -2.99
C THR B 184 5.04 21.54 -1.56
N PHE B 185 5.03 22.75 -1.01
CA PHE B 185 5.54 23.01 0.35
C PHE B 185 5.09 22.04 1.45
N ASP B 186 3.78 21.88 1.63
CA ASP B 186 3.25 20.94 2.65
C ASP B 186 3.67 19.52 2.46
N CYS B 187 3.92 19.12 1.20
N CYS B 187 3.92 19.12 1.20
CA CYS B 187 4.34 17.77 0.93
CA CYS B 187 4.37 17.78 0.93
C CYS B 187 5.76 17.51 1.43
C CYS B 187 5.79 17.48 1.37
N TYR B 188 6.69 18.46 1.23
CA TYR B 188 8.08 18.23 1.59
C TYR B 188 8.62 18.89 2.86
N ASN B 189 7.98 19.96 3.31
CA ASN B 189 8.55 20.73 4.40
C ASN B 189 8.84 19.90 5.65
N ASN B 190 10.06 20.00 6.14
CA ASN B 190 10.47 19.30 7.35
C ASN B 190 10.48 17.76 7.30
N PHE B 191 10.58 17.23 6.09
CA PHE B 191 10.64 15.77 5.87
C PHE B 191 11.96 15.30 5.33
N GLY B 192 12.92 16.22 5.21
CA GLY B 192 14.23 15.82 4.70
C GLY B 192 15.19 15.23 5.74
N PRO B 193 16.44 14.90 5.39
CA PRO B 193 17.05 15.13 4.09
C PRO B 193 16.45 14.32 2.96
N PHE B 194 16.50 14.91 1.78
CA PHE B 194 15.81 14.34 0.62
C PHE B 194 16.58 13.43 -0.29
N THR B 195 15.87 12.50 -0.89
CA THR B 195 16.46 11.62 -1.88
C THR B 195 16.97 12.47 -3.06
N PRO B 196 18.29 12.38 -3.42
CA PRO B 196 18.72 13.12 -4.60
C PRO B 196 18.37 12.46 -5.91
N GLY B 197 18.69 13.14 -7.01
CA GLY B 197 18.49 12.57 -8.36
C GLY B 197 17.28 12.99 -9.16
N PHE B 198 16.69 14.15 -8.84
CA PHE B 198 15.54 14.68 -9.53
C PHE B 198 15.77 16.06 -10.11
N GLU B 199 15.28 16.24 -11.33
CA GLU B 199 15.37 17.49 -12.02
C GLU B 199 13.92 17.92 -12.24
N LEU B 200 13.53 19.06 -11.66
CA LEU B 200 12.17 19.55 -11.84
C LEU B 200 12.08 20.59 -12.95
N ILE B 201 11.10 20.45 -13.81
CA ILE B 201 10.89 21.39 -14.92
C ILE B 201 9.42 21.79 -14.91
N ASP B 202 9.09 22.90 -15.57
CA ASP B 202 7.64 23.23 -15.67
C ASP B 202 6.85 22.15 -16.43
N TYR B 203 5.61 22.04 -16.05
CA TYR B 203 4.69 21.14 -16.74
C TYR B 203 4.27 21.82 -18.04
N ASP B 204 3.95 21.02 -19.05
CA ASP B 204 3.42 21.50 -20.32
C ASP B 204 4.39 22.45 -20.96
N ASP B 205 5.66 22.10 -20.91
CA ASP B 205 6.74 22.95 -21.44
C ASP B 205 7.76 22.02 -22.15
N VAL B 206 7.55 21.84 -23.45
CA VAL B 206 8.40 20.97 -24.24
C VAL B 206 9.83 21.51 -24.34
N GLY B 207 9.98 22.82 -24.41
CA GLY B 207 11.31 23.44 -24.49
C GLY B 207 12.16 23.12 -23.27
N ALA B 208 11.57 23.25 -22.09
CA ALA B 208 12.25 22.89 -20.84
C ALA B 208 12.62 21.42 -20.76
N LEU B 209 11.74 20.53 -21.26
CA LEU B 209 12.05 19.12 -21.29
C LEU B 209 13.21 18.85 -22.24
N GLU B 210 13.16 19.50 -23.38
CA GLU B 210 14.20 19.27 -24.38
C GLU B 210 15.55 19.67 -23.79
N GLU B 211 15.57 20.77 -23.05
CA GLU B 211 16.82 21.21 -22.41
C GLU B 211 17.30 20.22 -21.33
N ALA B 212 16.37 19.73 -20.49
CA ALA B 212 16.69 18.77 -19.41
C ALA B 212 17.23 17.44 -19.99
N LEU B 213 16.70 17.07 -21.15
CA LEU B 213 17.13 15.83 -21.83
C LEU B 213 18.53 15.85 -22.44
N LYS B 214 19.23 16.99 -22.41
CA LYS B 214 20.60 17.00 -22.91
C LYS B 214 21.55 16.29 -21.93
N ASP B 215 21.14 16.15 -20.66
CA ASP B 215 21.98 15.48 -19.69
C ASP B 215 21.94 13.97 -19.98
N PRO B 216 23.11 13.38 -20.30
CA PRO B 216 23.04 11.93 -20.60
C PRO B 216 22.79 11.01 -19.40
N ASN B 217 22.79 11.54 -18.17
CA ASN B 217 22.55 10.69 -16.99
C ASN B 217 21.08 10.52 -16.74
N VAL B 218 20.25 11.16 -17.54
CA VAL B 218 18.80 11.00 -17.35
C VAL B 218 18.40 9.60 -17.70
N ALA B 219 17.60 8.99 -16.82
CA ALA B 219 17.05 7.63 -16.98
C ALA B 219 15.64 7.68 -17.47
N ALA B 220 14.90 8.69 -17.02
CA ALA B 220 13.48 8.75 -17.35
C ALA B 220 12.85 10.14 -17.14
N PHE B 221 11.74 10.38 -17.82
CA PHE B 221 10.87 11.57 -17.64
C PHE B 221 9.56 10.95 -17.10
N PHE B 222 9.15 11.40 -15.91
CA PHE B 222 7.98 10.89 -15.18
C PHE B 222 6.95 12.00 -15.17
N VAL B 223 5.81 11.71 -15.77
CA VAL B 223 4.81 12.74 -15.98
C VAL B 223 3.36 12.21 -16.00
N GLU B 224 2.45 13.12 -15.69
CA GLU B 224 0.99 12.86 -15.71
C GLU B 224 0.42 13.42 -17.01
N PRO B 225 -0.54 12.74 -17.66
CA PRO B 225 -1.13 13.23 -18.91
C PRO B 225 -1.91 14.50 -18.64
N ILE B 226 -2.44 14.59 -17.44
CA ILE B 226 -3.19 15.76 -16.92
C ILE B 226 -2.78 15.79 -15.46
N GLN B 227 -2.13 16.86 -14.99
CA GLN B 227 -1.80 16.91 -13.54
C GLN B 227 -3.08 16.87 -12.72
N GLY B 228 -3.21 15.90 -11.83
CA GLY B 228 -4.40 15.72 -11.00
C GLY B 228 -4.47 16.58 -9.75
N GLU B 229 -3.68 16.21 -8.74
CA GLU B 229 -3.63 17.00 -7.49
C GLU B 229 -3.15 18.44 -7.75
N GLY B 230 -2.39 18.61 -8.82
CA GLY B 230 -1.85 19.93 -9.19
C GLY B 230 -2.94 20.87 -9.69
N GLY B 231 -4.17 20.37 -9.90
CA GLY B 231 -5.26 21.21 -10.35
C GLY B 231 -5.97 20.87 -11.66
N VAL B 232 -5.92 19.61 -12.08
CA VAL B 232 -6.54 19.19 -13.35
C VAL B 232 -5.93 20.11 -14.43
N ASN B 233 -4.60 20.17 -14.48
CA ASN B 233 -3.90 20.98 -15.46
C ASN B 233 -3.78 20.21 -16.77
N VAL B 234 -4.54 20.66 -17.79
CA VAL B 234 -4.55 20.04 -19.08
C VAL B 234 -3.50 20.66 -19.95
N PRO B 235 -2.57 19.84 -20.48
CA PRO B 235 -1.49 20.46 -21.27
C PRO B 235 -1.97 20.84 -22.67
N LYS B 236 -1.10 21.54 -23.39
CA LYS B 236 -1.38 21.92 -24.77
C LYS B 236 -1.40 20.76 -25.76
N PRO B 237 -2.11 20.95 -26.90
CA PRO B 237 -2.17 19.86 -27.85
C PRO B 237 -0.77 19.40 -28.27
N GLY B 238 -0.63 18.07 -28.31
CA GLY B 238 0.63 17.40 -28.69
C GLY B 238 1.71 17.26 -27.62
N TYR B 239 1.46 17.75 -26.41
CA TYR B 239 2.48 17.71 -25.33
C TYR B 239 3.13 16.33 -25.13
N LEU B 240 2.28 15.35 -24.84
CA LEU B 240 2.78 14.06 -24.58
C LEU B 240 3.42 13.39 -25.81
N LYS B 241 2.84 13.54 -26.99
CA LYS B 241 3.43 12.97 -28.23
C LYS B 241 4.84 13.58 -28.44
N ARG B 242 4.92 14.89 -28.29
CA ARG B 242 6.22 15.58 -28.46
C ARG B 242 7.20 15.09 -27.39
N ALA B 243 6.74 14.95 -26.16
CA ALA B 243 7.62 14.55 -25.04
C ALA B 243 8.16 13.14 -25.32
N HIS B 244 7.30 12.25 -25.80
CA HIS B 244 7.80 10.92 -26.07
C HIS B 244 8.90 10.90 -27.12
N GLU B 245 8.71 11.62 -28.20
CA GLU B 245 9.72 11.69 -29.29
C GLU B 245 11.05 12.21 -28.76
N LEU B 246 10.99 13.21 -27.91
CA LEU B 246 12.24 13.76 -27.34
C LEU B 246 12.95 12.72 -26.46
N CYS B 247 12.18 11.98 -25.66
CA CYS B 247 12.74 10.96 -24.81
C CYS B 247 13.35 9.78 -25.64
N ARG B 248 12.64 9.29 -26.66
CA ARG B 248 13.20 8.20 -27.53
C ARG B 248 14.51 8.58 -28.14
N SER B 249 14.56 9.81 -28.62
CA SER B 249 15.77 10.41 -29.25
C SER B 249 16.97 10.32 -28.33
N LYS B 250 16.72 10.26 -27.02
CA LYS B 250 17.80 10.22 -26.01
C LYS B 250 17.88 8.92 -25.25
N ASN B 251 17.11 7.93 -25.69
CA ASN B 251 17.02 6.65 -25.01
C ASN B 251 16.72 6.89 -23.53
N VAL B 252 15.67 7.69 -23.31
CA VAL B 252 15.16 8.03 -21.98
C VAL B 252 13.76 7.42 -21.85
N LEU B 253 13.49 6.74 -20.75
CA LEU B 253 12.16 6.12 -20.62
C LEU B 253 11.10 7.16 -20.30
N LEU B 254 9.92 7.00 -20.88
CA LEU B 254 8.82 7.90 -20.60
C LEU B 254 7.91 7.15 -19.61
N ILE B 255 7.91 7.57 -18.33
CA ILE B 255 7.04 6.96 -17.31
C ILE B 255 5.77 7.79 -17.22
N VAL B 256 4.62 7.21 -17.54
CA VAL B 256 3.38 7.96 -17.52
C VAL B 256 2.48 7.48 -16.37
N ASP B 257 2.13 8.41 -15.49
CA ASP B 257 1.33 8.10 -14.32
C ASP B 257 -0.17 8.29 -14.68
N GLU B 258 -0.84 7.20 -14.91
CA GLU B 258 -2.27 7.16 -15.22
C GLU B 258 -3.10 6.69 -14.04
N ILE B 259 -2.58 6.85 -12.83
CA ILE B 259 -3.29 6.40 -11.60
C ILE B 259 -4.58 7.19 -11.41
N GLN B 260 -4.56 8.46 -11.74
CA GLN B 260 -5.78 9.29 -11.64
C GLN B 260 -6.47 9.47 -13.01
N THR B 261 -5.68 9.58 -14.08
CA THR B 261 -6.19 9.78 -15.45
C THR B 261 -6.62 8.58 -16.26
N GLY B 262 -6.22 7.40 -15.83
CA GLY B 262 -6.40 6.21 -16.62
C GLY B 262 -7.75 5.63 -16.46
N LEU B 263 -7.94 4.53 -17.15
CA LEU B 263 -9.16 3.76 -16.95
C LEU B 263 -10.47 4.51 -17.20
N CYS B 264 -10.56 5.07 -18.41
CA CYS B 264 -11.76 5.70 -18.95
C CYS B 264 -12.16 7.06 -18.40
N ARG B 265 -11.48 7.51 -17.33
CA ARG B 265 -11.80 8.79 -16.73
C ARG B 265 -11.82 9.97 -17.70
N THR B 266 -10.89 10.03 -18.63
CA THR B 266 -10.78 11.18 -19.58
C THR B 266 -11.47 10.88 -20.94
N GLY B 267 -12.21 9.79 -21.02
CA GLY B 267 -12.90 9.46 -22.27
C GLY B 267 -12.20 8.45 -23.15
N ARG B 268 -11.03 8.02 -22.72
CA ARG B 268 -10.17 7.04 -23.39
C ARG B 268 -9.70 6.03 -22.35
N LEU B 269 -9.25 4.85 -22.79
CA LEU B 269 -8.79 3.80 -21.86
C LEU B 269 -7.65 4.35 -21.04
N LEU B 270 -6.73 5.01 -21.71
CA LEU B 270 -5.66 5.74 -21.03
C LEU B 270 -5.68 7.14 -21.55
N ALA B 271 -5.43 8.12 -20.70
CA ALA B 271 -5.37 9.53 -21.18
C ALA B 271 -4.25 9.70 -22.19
N ALA B 272 -3.24 8.83 -22.12
CA ALA B 272 -2.12 8.86 -23.07
C ALA B 272 -2.58 8.59 -24.54
N ASP B 273 -3.68 7.88 -24.68
CA ASP B 273 -4.28 7.56 -25.97
C ASP B 273 -4.67 8.77 -26.80
N HIS B 274 -4.99 9.86 -26.12
CA HIS B 274 -5.36 11.10 -26.75
C HIS B 274 -4.22 11.54 -27.68
N ASP B 275 -2.98 11.18 -27.35
CA ASP B 275 -1.80 11.55 -28.14
C ASP B 275 -1.20 10.34 -28.84
N GLU B 276 -1.90 9.21 -28.76
CA GLU B 276 -1.41 7.95 -29.31
C GLU B 276 -0.04 7.56 -28.77
N VAL B 277 0.17 7.83 -27.48
CA VAL B 277 1.42 7.50 -26.81
C VAL B 277 1.27 6.23 -26.00
N HIS B 278 2.17 5.27 -26.22
CA HIS B 278 2.19 4.01 -25.43
C HIS B 278 3.36 4.23 -24.48
N PRO B 279 3.07 4.48 -23.18
CA PRO B 279 4.17 4.77 -22.24
C PRO B 279 5.24 3.67 -22.20
N ASP B 280 6.51 4.04 -22.02
CA ASP B 280 7.53 3.01 -21.84
C ASP B 280 7.22 2.28 -20.52
N ILE B 281 6.82 3.01 -19.49
CA ILE B 281 6.39 2.42 -18.22
C ILE B 281 5.05 3.05 -17.90
N LEU B 282 4.04 2.21 -17.75
CA LEU B 282 2.76 2.73 -17.39
C LEU B 282 2.43 2.45 -15.88
N LEU B 283 1.80 3.40 -15.24
CA LEU B 283 1.29 3.22 -13.86
C LEU B 283 -0.23 3.37 -13.81
N LEU B 284 -0.86 2.42 -13.13
CA LEU B 284 -2.29 2.40 -12.88
C LEU B 284 -2.52 2.15 -11.35
N GLY B 285 -3.65 2.62 -10.85
CA GLY B 285 -4.07 2.35 -9.46
C GLY B 285 -5.50 2.81 -9.37
N LYS B 286 -5.86 3.28 -8.17
N LYS B 286 -5.85 3.31 -8.18
CA LYS B 286 -7.20 3.83 -7.86
CA LYS B 286 -7.16 3.85 -7.93
C LYS B 286 -8.40 3.06 -8.38
C LYS B 286 -8.27 2.98 -8.48
N SER B 287 -8.93 3.43 -9.54
CA SER B 287 -10.08 2.64 -10.11
C SER B 287 -9.71 1.23 -10.64
N LEU B 288 -8.42 0.90 -10.64
CA LEU B 288 -7.97 -0.46 -11.00
C LEU B 288 -8.68 -1.50 -10.12
N SER B 289 -9.08 -1.09 -8.91
CA SER B 289 -9.84 -1.98 -8.03
C SER B 289 -11.30 -1.55 -7.79
N ALA B 290 -11.75 -0.53 -8.52
CA ALA B 290 -13.05 0.05 -8.25
C ALA B 290 -13.19 0.56 -6.81
N GLY B 291 -12.07 0.94 -6.20
CA GLY B 291 -12.07 1.51 -4.86
C GLY B 291 -12.39 0.56 -3.75
N VAL B 292 -12.25 -0.73 -4.05
CA VAL B 292 -12.61 -1.79 -3.11
C VAL B 292 -11.44 -2.19 -2.23
N VAL B 293 -10.26 -2.34 -2.82
CA VAL B 293 -9.06 -2.69 -2.10
C VAL B 293 -7.89 -2.01 -2.83
N PRO B 294 -6.79 -1.81 -2.13
CA PRO B 294 -5.67 -1.12 -2.79
C PRO B 294 -4.82 -2.03 -3.71
N ILE B 295 -4.79 -1.75 -5.00
CA ILE B 295 -3.98 -2.49 -5.95
C ILE B 295 -3.54 -1.51 -7.02
N SER B 296 -2.23 -1.47 -7.27
CA SER B 296 -1.68 -0.62 -8.31
C SER B 296 -0.83 -1.51 -9.26
N ALA B 297 -0.42 -0.96 -10.39
CA ALA B 297 0.34 -1.76 -11.38
C ALA B 297 1.34 -0.90 -12.06
N VAL B 298 2.47 -1.53 -12.37
CA VAL B 298 3.52 -0.91 -13.15
C VAL B 298 3.71 -1.88 -14.35
N MET B 299 3.57 -1.41 -15.58
CA MET B 299 3.75 -2.27 -16.73
C MET B 299 4.80 -1.74 -17.67
N GLY B 300 5.50 -2.64 -18.35
CA GLY B 300 6.57 -2.26 -19.28
C GLY B 300 7.06 -3.41 -20.16
N ARG B 301 7.89 -3.06 -21.14
CA ARG B 301 8.49 -4.07 -22.00
C ARG B 301 9.47 -4.93 -21.19
N ALA B 302 9.69 -6.15 -21.68
CA ALA B 302 10.57 -7.12 -21.03
C ALA B 302 11.97 -6.63 -20.70
N ASP B 303 12.64 -6.02 -21.68
CA ASP B 303 14.03 -5.58 -21.51
C ASP B 303 14.21 -4.46 -20.47
N VAL B 304 13.10 -3.89 -20.06
CA VAL B 304 13.11 -2.85 -19.01
C VAL B 304 12.69 -3.46 -17.67
N MET B 305 11.55 -4.16 -17.64
CA MET B 305 11.06 -4.74 -16.41
C MET B 305 11.87 -5.90 -15.86
N ASP B 306 12.62 -6.58 -16.73
CA ASP B 306 13.37 -7.75 -16.34
C ASP B 306 14.59 -7.42 -15.50
N VAL B 307 14.91 -6.13 -15.41
CA VAL B 307 16.03 -5.72 -14.50
C VAL B 307 15.69 -6.04 -13.04
N LEU B 308 14.38 -6.15 -12.71
CA LEU B 308 14.00 -6.48 -11.36
C LEU B 308 14.06 -7.99 -11.17
N LYS B 309 15.27 -8.45 -10.90
CA LYS B 309 15.53 -9.87 -10.68
C LYS B 309 15.04 -10.35 -9.31
N PRO B 310 14.95 -11.69 -9.11
CA PRO B 310 14.48 -12.25 -7.84
C PRO B 310 15.24 -11.67 -6.67
N GLY B 311 14.50 -11.28 -5.63
CA GLY B 311 15.06 -10.67 -4.43
C GLY B 311 15.36 -9.17 -4.46
N THR B 312 15.25 -8.53 -5.63
CA THR B 312 15.55 -7.11 -5.78
C THR B 312 14.37 -6.17 -5.60
N HIS B 313 13.17 -6.75 -5.39
CA HIS B 313 11.96 -5.95 -5.17
C HIS B 313 10.94 -6.95 -4.66
N GLY B 314 9.96 -6.46 -3.92
CA GLY B 314 8.93 -7.30 -3.32
C GLY B 314 7.85 -6.46 -2.64
N SER B 315 6.90 -7.15 -2.03
CA SER B 315 5.77 -6.55 -1.30
C SER B 315 4.94 -7.69 -0.77
N THR B 316 4.55 -7.64 0.51
CA THR B 316 3.76 -8.67 1.10
C THR B 316 2.46 -8.87 0.35
N PHE B 317 1.71 -7.79 0.21
CA PHE B 317 0.35 -7.86 -0.39
C PHE B 317 0.29 -7.68 -1.90
N GLY B 318 1.38 -7.23 -2.49
CA GLY B 318 1.33 -7.00 -3.93
C GLY B 318 1.05 -8.28 -4.72
N GLY B 319 0.03 -8.20 -5.60
CA GLY B 319 -0.38 -9.33 -6.42
C GLY B 319 -1.16 -10.34 -5.66
N ASN B 320 -1.69 -9.97 -4.48
CA ASN B 320 -2.44 -10.96 -3.72
C ASN B 320 -3.65 -11.39 -4.55
N PRO B 321 -4.09 -12.66 -4.37
CA PRO B 321 -5.20 -13.12 -5.23
C PRO B 321 -6.54 -12.41 -5.05
N LEU B 322 -6.86 -11.93 -3.86
CA LEU B 322 -8.13 -11.22 -3.69
C LEU B 322 -8.15 -9.95 -4.49
N ALA B 323 -7.06 -9.18 -4.42
CA ALA B 323 -7.01 -7.96 -5.19
C ALA B 323 -7.02 -8.20 -6.69
N CYS B 324 -6.35 -9.26 -7.14
CA CYS B 324 -6.31 -9.62 -8.54
C CYS B 324 -7.69 -9.95 -9.05
N ALA B 325 -8.43 -10.71 -8.26
CA ALA B 325 -9.79 -11.09 -8.66
C ALA B 325 -10.65 -9.83 -8.79
N VAL B 326 -10.54 -8.94 -7.82
CA VAL B 326 -11.23 -7.64 -7.85
C VAL B 326 -10.83 -6.79 -9.04
N ALA B 327 -9.53 -6.70 -9.33
CA ALA B 327 -9.07 -5.88 -10.42
C ALA B 327 -9.59 -6.34 -11.75
N VAL B 328 -9.56 -7.65 -11.98
CA VAL B 328 -10.03 -8.16 -13.26
C VAL B 328 -11.52 -7.82 -13.43
N GLU B 329 -12.32 -7.97 -12.36
CA GLU B 329 -13.74 -7.64 -12.46
C GLU B 329 -13.91 -6.12 -12.69
N ALA B 330 -13.11 -5.28 -12.00
CA ALA B 330 -13.20 -3.82 -12.11
C ALA B 330 -12.90 -3.34 -13.51
N LEU B 331 -11.89 -3.98 -14.10
CA LEU B 331 -11.44 -3.60 -15.41
C LEU B 331 -12.48 -4.02 -16.43
N THR B 332 -13.07 -5.18 -16.21
CA THR B 332 -14.11 -5.68 -17.11
C THR B 332 -15.30 -4.75 -17.14
N VAL B 333 -15.70 -4.25 -15.98
CA VAL B 333 -16.80 -3.29 -15.85
C VAL B 333 -16.53 -2.07 -16.75
N LEU B 334 -15.31 -1.54 -16.76
CA LEU B 334 -15.04 -0.41 -17.63
C LEU B 334 -15.40 -0.63 -19.11
N LYS B 335 -15.09 -1.80 -19.62
CA LYS B 335 -15.35 -2.11 -20.97
C LYS B 335 -16.84 -2.42 -21.20
N ASP B 336 -17.40 -3.28 -20.35
CA ASP B 336 -18.78 -3.73 -20.53
C ASP B 336 -19.76 -2.58 -20.50
N GLU B 337 -19.51 -1.65 -19.61
CA GLU B 337 -20.41 -0.52 -19.45
C GLU B 337 -20.06 0.67 -20.31
N LYS B 338 -19.06 0.51 -21.18
CA LYS B 338 -18.62 1.57 -22.10
C LYS B 338 -18.45 2.90 -21.38
N LEU B 339 -17.70 2.84 -20.29
CA LEU B 339 -17.50 4.00 -19.43
C LEU B 339 -16.63 5.08 -20.04
N ALA B 340 -15.76 4.71 -20.96
CA ALA B 340 -14.98 5.74 -21.67
C ALA B 340 -15.89 6.57 -22.57
N ASP B 341 -16.88 5.94 -23.22
CA ASP B 341 -17.82 6.66 -24.09
C ASP B 341 -18.69 7.54 -23.25
N ARG B 342 -19.13 6.99 -22.13
CA ARG B 342 -19.94 7.75 -21.21
C ARG B 342 -19.20 8.95 -20.65
N ALA B 343 -17.97 8.75 -20.22
CA ALA B 343 -17.21 9.86 -19.68
C ALA B 343 -17.02 10.94 -20.75
N GLU B 344 -16.67 10.52 -21.97
CA GLU B 344 -16.42 11.43 -23.10
C GLU B 344 -17.63 12.33 -23.37
N ARG B 345 -18.77 11.67 -23.50
CA ARG B 345 -20.01 12.34 -23.87
C ARG B 345 -20.51 13.28 -22.79
N LEU B 346 -20.68 12.77 -21.57
CA LEU B 346 -21.16 13.60 -20.46
C LEU B 346 -20.15 14.70 -20.11
N GLY B 347 -18.88 14.37 -20.21
CA GLY B 347 -17.83 15.37 -19.89
C GLY B 347 -17.92 16.60 -20.74
N ALA B 348 -18.02 16.38 -22.05
CA ALA B 348 -18.11 17.45 -23.04
C ALA B 348 -19.37 18.28 -22.80
N GLN B 349 -20.42 17.60 -22.37
CA GLN B 349 -21.67 18.26 -22.03
C GLN B 349 -21.50 19.11 -20.77
N PHE B 350 -20.85 18.56 -19.74
CA PHE B 350 -20.64 19.29 -18.48
C PHE B 350 -19.89 20.58 -18.71
N ARG B 351 -18.79 20.51 -19.44
CA ARG B 351 -17.98 21.71 -19.70
C ARG B 351 -18.74 22.70 -20.56
N ASP B 352 -19.46 22.20 -21.56
CA ASP B 352 -20.20 23.08 -22.47
C ASP B 352 -21.26 23.83 -21.65
N CYS B 353 -21.97 23.12 -20.79
CA CYS B 353 -22.99 23.73 -19.95
C CYS B 353 -22.45 24.73 -18.93
N LEU B 354 -21.37 24.41 -18.27
CA LEU B 354 -20.83 25.34 -17.31
C LEU B 354 -20.33 26.60 -17.98
N ARG B 355 -19.57 26.45 -19.05
CA ARG B 355 -19.04 27.61 -19.77
C ARG B 355 -20.13 28.49 -20.32
N ARG B 356 -21.20 27.90 -20.84
CA ARG B 356 -22.30 28.70 -21.37
C ARG B 356 -22.99 29.48 -20.27
N GLU B 357 -23.30 28.80 -19.18
CA GLU B 357 -24.02 29.39 -18.06
C GLU B 357 -23.21 30.17 -17.03
N LEU B 358 -21.88 30.00 -17.02
CA LEU B 358 -21.05 30.64 -15.99
C LEU B 358 -20.00 31.63 -16.47
N TYR B 359 -19.38 31.42 -17.65
CA TYR B 359 -18.39 32.40 -18.09
C TYR B 359 -19.07 33.76 -18.29
N GLY B 360 -18.37 34.82 -17.89
CA GLY B 360 -18.91 36.16 -17.99
C GLY B 360 -19.76 36.46 -16.77
N LYS B 361 -20.89 35.75 -16.66
CA LYS B 361 -21.82 35.89 -15.53
C LYS B 361 -21.17 35.79 -14.14
N VAL B 362 -20.12 34.98 -14.02
CA VAL B 362 -19.42 34.78 -12.76
C VAL B 362 -17.97 35.20 -13.08
N PRO B 363 -17.59 36.44 -12.71
CA PRO B 363 -16.26 36.95 -13.03
C PRO B 363 -15.14 36.34 -12.23
N TRP B 364 -15.43 35.82 -11.05
CA TRP B 364 -14.41 35.20 -10.22
C TRP B 364 -14.08 33.75 -10.65
N ILE B 365 -14.67 33.28 -11.76
CA ILE B 365 -14.30 31.98 -12.30
C ILE B 365 -13.12 32.27 -13.25
N LYS B 366 -11.96 31.69 -12.95
CA LYS B 366 -10.78 31.86 -13.76
C LYS B 366 -10.85 30.95 -14.97
N GLU B 367 -11.22 29.68 -14.76
CA GLU B 367 -11.26 28.77 -15.87
C GLU B 367 -12.06 27.54 -15.59
N ILE B 368 -12.62 26.98 -16.66
CA ILE B 368 -13.35 25.73 -16.64
C ILE B 368 -12.57 24.80 -17.58
N ARG B 369 -11.99 23.76 -17.01
CA ARG B 369 -11.16 22.85 -17.80
C ARG B 369 -11.34 21.38 -17.46
N GLY B 370 -10.86 20.54 -18.36
CA GLY B 370 -10.86 19.10 -18.19
C GLY B 370 -10.96 18.25 -19.45
N ARG B 371 -10.93 16.94 -19.24
N ARG B 371 -10.94 16.93 -19.26
CA ARG B 371 -11.07 15.93 -20.31
CA ARG B 371 -11.17 15.99 -20.34
C ARG B 371 -11.97 14.83 -19.75
C ARG B 371 -12.02 14.88 -19.74
N GLY B 372 -12.95 14.36 -20.53
CA GLY B 372 -13.87 13.34 -20.05
C GLY B 372 -14.56 13.88 -18.80
N LEU B 373 -14.62 13.06 -17.75
CA LEU B 373 -15.23 13.46 -16.47
C LEU B 373 -14.17 13.78 -15.41
N LEU B 374 -13.03 14.34 -15.85
CA LEU B 374 -11.98 14.84 -14.91
C LEU B 374 -12.02 16.34 -15.19
N ASN B 375 -12.83 17.07 -14.40
CA ASN B 375 -13.10 18.49 -14.63
C ASN B 375 -12.91 19.34 -13.40
N ALA B 376 -12.50 20.57 -13.66
CA ALA B 376 -12.25 21.52 -12.62
C ALA B 376 -12.77 22.90 -12.96
N VAL B 377 -13.08 23.68 -11.92
CA VAL B 377 -13.44 25.08 -12.06
C VAL B 377 -12.50 25.84 -11.13
N GLU B 378 -11.53 26.54 -11.71
CA GLU B 378 -10.62 27.31 -10.88
C GLU B 378 -11.26 28.67 -10.65
N VAL B 379 -11.30 29.08 -9.39
CA VAL B 379 -11.84 30.34 -8.97
C VAL B 379 -10.69 31.26 -8.52
N ASP B 380 -10.93 32.56 -8.54
CA ASP B 380 -9.98 33.56 -8.06
C ASP B 380 -10.24 33.73 -6.56
N SER B 381 -9.36 33.18 -5.71
CA SER B 381 -9.52 33.24 -4.26
C SER B 381 -9.32 34.62 -3.63
N ASP B 382 -8.94 35.59 -4.43
CA ASP B 382 -8.85 36.97 -3.90
C ASP B 382 -10.20 37.67 -4.11
N ALA B 383 -11.02 37.12 -5.01
CA ALA B 383 -12.33 37.70 -5.36
C ALA B 383 -13.54 36.98 -4.73
N ILE B 384 -13.30 35.78 -4.17
CA ILE B 384 -14.33 34.98 -3.51
C ILE B 384 -13.65 34.03 -2.51
N ASP B 385 -14.37 33.62 -1.48
CA ASP B 385 -13.85 32.61 -0.54
C ASP B 385 -14.16 31.27 -1.20
N PRO B 386 -13.13 30.53 -1.69
CA PRO B 386 -13.51 29.25 -2.36
C PRO B 386 -14.33 28.29 -1.52
N ASN B 387 -14.21 28.38 -0.20
CA ASN B 387 -14.94 27.48 0.67
C ASN B 387 -16.45 27.70 0.57
N ASP B 388 -16.85 28.94 0.26
CA ASP B 388 -18.27 29.25 0.09
C ASP B 388 -18.86 28.38 -1.01
N VAL B 389 -18.10 28.18 -2.10
CA VAL B 389 -18.55 27.38 -3.23
C VAL B 389 -18.74 25.95 -2.75
N VAL B 390 -17.79 25.42 -1.97
CA VAL B 390 -17.83 24.03 -1.47
C VAL B 390 -19.07 23.74 -0.60
N MET B 391 -19.34 24.61 0.36
CA MET B 391 -20.50 24.43 1.24
C MET B 391 -21.83 24.59 0.50
N LYS B 392 -21.83 25.47 -0.49
CA LYS B 392 -23.06 25.71 -1.26
C LYS B 392 -23.31 24.47 -2.10
N LEU B 393 -22.22 23.92 -2.66
CA LEU B 393 -22.37 22.70 -3.44
C LEU B 393 -22.95 21.63 -2.56
N LYS B 394 -22.45 21.53 -1.35
CA LYS B 394 -22.94 20.53 -0.43
C LYS B 394 -24.41 20.76 -0.08
N GLU B 395 -24.74 22.02 0.22
CA GLU B 395 -26.12 22.42 0.55
C GLU B 395 -27.02 21.96 -0.56
N ASN B 396 -26.53 22.02 -1.80
CA ASN B 396 -27.30 21.60 -2.96
C ASN B 396 -27.09 20.14 -3.39
N GLY B 397 -26.60 19.29 -2.48
CA GLY B 397 -26.44 17.86 -2.72
C GLY B 397 -25.25 17.32 -3.49
N ILE B 398 -24.16 18.10 -3.58
CA ILE B 398 -22.97 17.77 -4.30
C ILE B 398 -21.78 17.79 -3.32
N LEU B 399 -21.13 16.63 -3.16
CA LEU B 399 -19.92 16.52 -2.32
C LEU B 399 -18.72 16.62 -3.21
N SER B 400 -17.85 17.58 -2.89
CA SER B 400 -16.75 17.88 -3.72
C SER B 400 -15.63 18.33 -2.78
N LYS B 401 -14.38 18.14 -3.19
CA LYS B 401 -13.24 18.57 -2.38
C LYS B 401 -12.27 19.25 -3.35
N PRO B 402 -11.94 20.53 -3.11
CA PRO B 402 -11.04 21.20 -4.02
C PRO B 402 -9.62 20.75 -3.84
N THR B 403 -8.72 21.16 -4.76
CA THR B 403 -7.30 20.96 -4.58
C THR B 403 -6.72 22.34 -4.71
N ARG B 404 -5.62 22.58 -3.99
CA ARG B 404 -4.92 23.91 -3.93
C ARG B 404 -5.84 25.06 -3.45
N GLY B 405 -6.86 24.71 -2.67
CA GLY B 405 -7.82 25.69 -2.17
C GLY B 405 -8.81 26.21 -3.22
N ARG B 406 -8.28 26.67 -4.36
CA ARG B 406 -9.11 27.34 -5.37
C ARG B 406 -9.54 26.57 -6.60
N VAL B 407 -9.13 25.32 -6.72
CA VAL B 407 -9.50 24.52 -7.84
C VAL B 407 -10.63 23.58 -7.41
N MET B 408 -11.83 23.96 -7.81
CA MET B 408 -12.99 23.11 -7.54
C MET B 408 -12.89 21.90 -8.45
N ARG B 409 -13.24 20.70 -7.94
CA ARG B 409 -13.14 19.47 -8.70
C ARG B 409 -14.45 18.74 -8.83
N PHE B 410 -14.66 18.27 -10.05
CA PHE B 410 -15.90 17.52 -10.37
C PHE B 410 -15.46 16.27 -11.01
N ILE B 411 -15.50 15.19 -10.23
CA ILE B 411 -14.98 13.91 -10.60
C ILE B 411 -15.98 12.89 -10.09
N PRO B 412 -17.10 12.72 -10.83
CA PRO B 412 -18.07 11.73 -10.33
C PRO B 412 -17.78 10.33 -10.84
N PRO B 413 -18.41 9.30 -10.26
CA PRO B 413 -18.25 7.98 -10.83
C PRO B 413 -18.76 7.98 -12.31
N LEU B 414 -18.07 7.27 -13.17
CA LEU B 414 -18.37 7.27 -14.59
C LEU B 414 -19.69 6.61 -14.82
N VAL B 415 -20.17 5.86 -13.84
CA VAL B 415 -21.48 5.18 -13.97
C VAL B 415 -22.64 6.11 -13.74
N ILE B 416 -22.35 7.38 -13.49
CA ILE B 416 -23.40 8.39 -13.29
C ILE B 416 -24.32 8.36 -14.53
N THR B 417 -25.60 8.22 -14.28
CA THR B 417 -26.56 8.15 -15.36
C THR B 417 -26.81 9.48 -16.03
N ASP B 418 -27.48 9.43 -17.18
CA ASP B 418 -27.79 10.67 -17.91
C ASP B 418 -28.61 11.65 -17.03
N GLU B 419 -29.61 11.12 -16.33
CA GLU B 419 -30.49 11.94 -15.49
C GLU B 419 -29.75 12.44 -14.29
N GLU B 420 -29.11 11.54 -13.56
CA GLU B 420 -28.29 11.96 -12.41
C GLU B 420 -27.29 13.06 -12.80
N HIS B 421 -26.65 12.93 -13.97
CA HIS B 421 -25.67 13.91 -14.42
C HIS B 421 -26.33 15.25 -14.81
N ARG B 422 -27.55 15.17 -15.34
CA ARG B 422 -28.28 16.37 -15.73
C ARG B 422 -28.68 17.14 -14.46
N ASP B 423 -29.20 16.38 -13.49
CA ASP B 423 -29.64 16.89 -12.20
C ASP B 423 -28.42 17.49 -11.50
N ALA B 424 -27.34 16.75 -11.47
CA ALA B 424 -26.09 17.20 -10.80
C ALA B 424 -25.56 18.48 -11.41
N THR B 425 -25.47 18.51 -12.74
CA THR B 425 -24.97 19.70 -13.44
C THR B 425 -25.80 20.94 -13.10
N THR B 426 -27.11 20.74 -13.07
CA THR B 426 -28.05 21.79 -12.72
C THR B 426 -27.74 22.30 -11.31
N ARG B 427 -27.57 21.37 -10.37
CA ARG B 427 -27.24 21.71 -8.99
C ARG B 427 -25.89 22.38 -8.86
N ILE B 428 -24.95 21.99 -9.68
CA ILE B 428 -23.60 22.56 -9.65
C ILE B 428 -23.68 24.00 -10.18
N ILE B 429 -24.29 24.17 -11.37
CA ILE B 429 -24.47 25.48 -11.98
C ILE B 429 -25.16 26.40 -10.99
N LYS B 430 -26.24 25.90 -10.42
CA LYS B 430 -27.03 26.63 -9.38
C LYS B 430 -26.17 27.15 -8.20
N SER B 431 -25.25 26.32 -7.72
CA SER B 431 -24.37 26.71 -6.60
C SER B 431 -23.46 27.87 -6.92
N PHE B 432 -22.81 27.84 -8.07
CA PHE B 432 -21.93 28.97 -8.45
C PHE B 432 -22.76 30.25 -8.54
N LEU B 433 -23.96 30.15 -9.11
CA LEU B 433 -24.84 31.32 -9.25
C LEU B 433 -25.28 31.87 -7.90
N ALA B 434 -25.53 31.01 -6.92
CA ALA B 434 -25.95 31.47 -5.60
C ALA B 434 -24.80 32.19 -4.97
N VAL B 435 -23.58 31.66 -5.15
CA VAL B 435 -22.40 32.35 -4.59
C VAL B 435 -22.18 33.75 -5.22
N GLU B 436 -22.37 33.89 -6.54
CA GLU B 436 -22.24 35.21 -7.21
C GLU B 436 -23.33 36.14 -6.72
N GLU B 437 -24.56 35.63 -6.59
CA GLU B 437 -25.70 36.40 -6.07
C GLU B 437 -25.32 36.98 -4.72
N GLU B 438 -24.82 36.11 -3.83
CA GLU B 438 -24.38 36.50 -2.49
C GLU B 438 -23.29 37.57 -2.47
N ARG B 439 -22.31 37.46 -3.38
CA ARG B 439 -21.24 38.46 -3.52
C ARG B 439 -21.86 39.85 -3.68
N LYS B 440 -23.00 39.91 -4.39
CA LYS B 440 -23.76 41.16 -4.56
C LYS B 440 -24.75 41.35 -3.40
#